data_4RRT
#
_entry.id   4RRT
#
_cell.length_a   78.070
_cell.length_b   78.070
_cell.length_c   203.081
_cell.angle_alpha   90.00
_cell.angle_beta   90.00
_cell.angle_gamma   120.00
#
_symmetry.space_group_name_H-M   'P 32'
#
loop_
_entity.id
_entity.type
_entity.pdbx_description
1 polymer 'Cytochrome P450 2B6'
2 non-polymer 'PROTOPORPHYRIN IX CONTAINING FE'
3 non-polymer (+)-3-carene
4 non-polymer 5-CYCLOHEXYL-1-PENTYL-BETA-D-MALTOSIDE
5 non-polymer GLYCEROL
6 water water
#
_entity_poly.entity_id   1
_entity_poly.type   'polypeptide(L)'
_entity_poly.pdbx_seq_one_letter_code
;MAKKTSSKGKLPPGPRPLPLLGNLLQMDRRGLLKSFLRFREKYGDVFTVHLGPRPVVMLCGVEAIREALVDKAEAFSGRG
KIAMVDPFFRGYGVIFANGNRWKVLRRFSVTTMRDFGMGKRSVEERIQEEAQCLIEELRKSKGALMDPTFLFQSITANII
CSIVFGKRFHYQDQEFLKMLNLFYQTFSLISSVFGQLFELFSGFLKHFPGAHRQVYKNLQEINAYIGHSVEKHRETLDPS
APRDLIDTYLLHMEKEKSNAHSEFSHQNLNLNTLSLFFAGTETTSTTLRYGFLLMLKYPHVAERVYREIEQVIGPHRPPE
LHDRAKMPYTEAVIYEIQRFSDLLPMGVPHIVTQHTSFRGYIIPKDTEVFLILSTALHDPHYFEKPDAFNPDHFLDANGA
LKKTEAFIPFSLGKRICLGEGIARAELFLFFTTILQNFSMASPVAPEDIDLTPQECGVGKIPPTYQIRFLPRHHHH
;
_entity_poly.pdbx_strand_id   A,B
#
loop_
_chem_comp.id
_chem_comp.type
_chem_comp.name
_chem_comp.formula
3V4 non-polymer (+)-3-carene 'C10 H16'
CM5 non-polymer 5-CYCLOHEXYL-1-PENTYL-BETA-D-MALTOSIDE 'C23 H42 O11'
GOL non-polymer GLYCEROL 'C3 H8 O3'
HEM non-polymer 'PROTOPORPHYRIN IX CONTAINING FE' 'C34 H32 Fe N4 O4'
#
# COMPACT_ATOMS: atom_id res chain seq x y z
N GLY A 9 25.17 -6.49 20.19
CA GLY A 9 24.34 -7.20 21.15
C GLY A 9 23.09 -6.44 21.52
N LYS A 10 23.16 -5.11 21.41
CA LYS A 10 22.03 -4.25 21.74
C LYS A 10 22.08 -2.96 20.94
N LEU A 11 21.06 -2.12 21.11
CA LEU A 11 20.98 -0.84 20.41
C LEU A 11 22.07 0.15 20.83
N PRO A 12 22.56 0.97 19.89
CA PRO A 12 23.58 1.97 20.22
C PRO A 12 23.26 2.66 21.55
N PRO A 13 24.29 3.11 22.26
CA PRO A 13 24.08 3.78 23.56
C PRO A 13 23.40 5.10 23.39
N GLY A 14 22.78 5.64 24.43
CA GLY A 14 22.26 6.99 24.39
C GLY A 14 21.81 7.34 25.79
N PRO A 15 21.22 8.52 25.98
CA PRO A 15 20.66 9.02 27.26
C PRO A 15 19.58 8.08 27.80
N ARG A 16 19.56 7.88 29.13
CA ARG A 16 18.70 6.86 29.73
C ARG A 16 17.31 7.45 29.75
N PRO A 17 16.35 6.75 29.15
CA PRO A 17 14.95 7.26 28.99
C PRO A 17 13.97 7.01 30.16
N LEU A 18 12.98 7.89 30.35
CA LEU A 18 11.77 7.63 31.14
C LEU A 18 10.66 6.97 30.30
N PRO A 19 9.86 6.04 30.91
CA PRO A 19 8.73 5.31 30.25
C PRO A 19 7.78 6.07 29.26
N LEU A 20 7.21 7.20 29.67
CA LEU A 20 6.22 7.89 28.82
C LEU A 20 6.94 8.91 27.95
N LEU A 21 7.82 9.66 28.60
CA LEU A 21 8.43 10.84 28.04
C LEU A 21 9.69 10.55 27.19
N GLY A 22 10.13 9.30 27.08
CA GLY A 22 11.42 9.03 26.46
C GLY A 22 12.52 9.94 27.03
N ASN A 23 13.25 10.61 26.13
CA ASN A 23 14.39 11.42 26.49
C ASN A 23 14.08 12.89 26.55
N LEU A 24 12.79 13.19 26.68
CA LEU A 24 12.29 14.57 26.71
C LEU A 24 13.14 15.42 27.59
N LEU A 25 13.32 14.93 28.81
CA LEU A 25 13.90 15.79 29.83
C LEU A 25 15.42 16.02 29.60
N GLN A 26 16.01 15.23 28.70
CA GLN A 26 17.38 15.47 28.28
C GLN A 26 17.52 16.36 27.01
N MET A 27 16.41 16.75 26.38
CA MET A 27 16.49 17.51 25.13
C MET A 27 16.85 18.97 25.36
N ASP A 28 17.30 19.60 24.27
CA ASP A 28 17.61 20.99 24.28
C ASP A 28 16.39 21.74 23.72
N ARG A 29 16.04 22.83 24.41
CA ARG A 29 14.88 23.68 24.09
C ARG A 29 14.91 24.24 22.67
N ARG A 30 16.11 24.38 22.12
CA ARG A 30 16.30 24.93 20.80
C ARG A 30 16.00 23.94 19.63
N GLY A 31 15.44 22.77 19.90
CA GLY A 31 15.14 21.81 18.85
C GLY A 31 15.83 20.43 18.83
N LEU A 32 15.32 19.61 17.94
CA LEU A 32 15.84 18.28 17.79
C LEU A 32 17.33 18.24 17.43
N LEU A 33 17.75 19.06 16.45
CA LEU A 33 19.10 18.97 15.88
C LEU A 33 20.06 19.31 17.05
N LYS A 34 19.81 20.43 17.72
CA LYS A 34 20.59 20.83 18.84
C LYS A 34 20.63 19.72 19.88
N SER A 35 19.46 19.12 20.18
CA SER A 35 19.45 17.99 21.10
C SER A 35 20.43 16.96 20.67
N PHE A 36 20.39 16.64 19.38
CA PHE A 36 21.14 15.49 18.95
C PHE A 36 22.65 15.81 18.87
N LEU A 37 23.02 17.03 18.51
CA LEU A 37 24.43 17.40 18.48
C LEU A 37 25.03 17.31 19.92
N ARG A 38 24.22 17.61 20.95
CA ARG A 38 24.67 17.43 22.33
C ARG A 38 24.89 15.97 22.71
N PHE A 39 23.95 15.07 22.38
CA PHE A 39 24.16 13.66 22.57
C PHE A 39 25.37 13.15 21.78
N ARG A 40 25.64 13.70 20.63
CA ARG A 40 26.77 13.23 19.87
C ARG A 40 28.08 13.51 20.55
N GLU A 41 28.17 14.62 21.27
CA GLU A 41 29.30 15.03 22.10
C GLU A 41 29.65 13.92 23.07
N LYS A 42 28.64 13.48 23.77
CA LYS A 42 28.74 12.47 24.85
C LYS A 42 28.86 11.07 24.33
N TYR A 43 28.06 10.71 23.29
CA TYR A 43 28.02 9.30 22.88
C TYR A 43 28.77 8.95 21.64
N GLY A 44 29.19 9.96 20.88
CA GLY A 44 29.76 9.64 19.57
C GLY A 44 28.80 9.64 18.39
N ASP A 45 29.20 9.00 17.30
CA ASP A 45 28.52 9.14 16.01
C ASP A 45 27.30 8.21 15.79
N VAL A 46 27.12 7.21 16.67
CA VAL A 46 26.04 6.21 16.57
C VAL A 46 25.44 6.12 17.92
N PHE A 47 24.21 6.60 18.07
CA PHE A 47 23.54 6.58 19.36
C PHE A 47 21.99 6.44 19.25
N THR A 48 21.35 6.20 20.39
CA THR A 48 19.89 6.02 20.39
C THR A 48 19.28 7.13 21.22
N VAL A 49 18.19 7.72 20.72
CA VAL A 49 17.37 8.64 21.46
C VAL A 49 15.89 8.11 21.43
N HIS A 50 15.23 8.12 22.58
CA HIS A 50 13.83 7.66 22.62
C HIS A 50 13.05 8.92 22.41
N LEU A 51 12.38 8.98 21.27
CA LEU A 51 11.54 10.13 20.86
C LEU A 51 10.13 9.76 21.29
N GLY A 52 9.67 10.37 22.38
CA GLY A 52 8.46 9.92 23.07
C GLY A 52 8.52 8.41 23.27
N PRO A 53 7.60 7.68 22.67
CA PRO A 53 7.48 6.21 22.88
C PRO A 53 8.41 5.27 22.14
N ARG A 54 9.33 5.75 21.29
CA ARG A 54 10.11 4.79 20.48
C ARG A 54 11.61 5.17 20.29
N PRO A 55 12.48 4.15 20.17
CA PRO A 55 13.91 4.45 20.01
C PRO A 55 14.17 4.89 18.57
N VAL A 56 14.95 5.96 18.37
CA VAL A 56 15.40 6.29 17.03
C VAL A 56 16.92 6.32 17.06
N VAL A 57 17.55 5.58 16.16
CA VAL A 57 19.01 5.55 16.05
C VAL A 57 19.47 6.73 15.21
N MET A 58 20.35 7.54 15.78
CA MET A 58 21.05 8.60 15.02
C MET A 58 22.40 8.19 14.47
N LEU A 59 22.62 8.44 13.18
CA LEU A 59 23.94 8.24 12.55
C LEU A 59 24.50 9.59 12.10
N CYS A 60 25.73 9.91 12.52
CA CYS A 60 26.33 11.23 12.33
C CYS A 60 27.64 11.02 11.60
N GLY A 61 27.97 11.96 10.71
CA GLY A 61 29.27 11.99 10.01
C GLY A 61 29.18 11.20 8.72
N VAL A 62 30.03 11.55 7.76
CA VAL A 62 29.99 10.93 6.43
C VAL A 62 30.22 9.42 6.45
N GLU A 63 31.18 8.95 7.25
CA GLU A 63 31.53 7.54 7.22
C GLU A 63 30.34 6.69 7.66
N ALA A 64 29.70 7.08 8.76
CA ALA A 64 28.70 6.23 9.36
C ALA A 64 27.53 6.28 8.41
N ILE A 65 27.20 7.47 7.93
CA ILE A 65 26.02 7.62 7.09
C ILE A 65 26.17 6.80 5.78
N ARG A 66 27.36 6.85 5.18
CA ARG A 66 27.62 6.14 3.93
C ARG A 66 27.74 4.62 4.22
N GLU A 67 28.24 4.29 5.40
CA GLU A 67 28.36 2.89 5.73
C GLU A 67 26.93 2.32 5.78
N ALA A 68 25.99 3.10 6.34
CA ALA A 68 24.59 2.67 6.43
C ALA A 68 23.86 2.65 5.08
N LEU A 69 23.88 3.78 4.35
CA LEU A 69 23.05 3.96 3.12
C LEU A 69 23.66 3.31 1.89
N VAL A 70 24.98 3.28 1.80
CA VAL A 70 25.62 2.56 0.70
C VAL A 70 26.06 1.08 0.99
N ASP A 71 26.87 0.85 2.02
CA ASP A 71 27.39 -0.50 2.22
C ASP A 71 26.32 -1.38 2.82
N LYS A 72 25.35 -0.78 3.51
CA LYS A 72 24.29 -1.57 4.10
C LYS A 72 22.88 -1.23 3.58
N ALA A 73 22.80 -0.88 2.29
CA ALA A 73 21.54 -0.56 1.57
C ALA A 73 20.42 -1.64 1.71
N GLU A 74 20.83 -2.91 1.73
CA GLU A 74 19.89 -4.00 1.97
C GLU A 74 19.03 -3.79 3.24
N ALA A 75 19.50 -2.93 4.15
CA ALA A 75 18.78 -2.82 5.41
C ALA A 75 18.31 -1.39 5.78
N PHE A 76 19.03 -0.36 5.28
CA PHE A 76 18.82 1.03 5.77
C PHE A 76 18.00 1.84 4.79
N SER A 77 17.57 1.15 3.72
CA SER A 77 16.78 1.73 2.66
C SER A 77 15.27 1.90 2.84
N GLY A 78 14.72 1.62 4.00
CA GLY A 78 13.28 1.88 4.24
C GLY A 78 13.01 3.34 4.63
N ARG A 79 11.77 3.79 4.43
CA ARG A 79 11.39 5.16 4.68
C ARG A 79 10.58 5.20 5.98
N GLY A 80 10.89 6.13 6.90
CA GLY A 80 10.13 6.24 8.17
C GLY A 80 9.08 7.32 7.99
N LYS A 81 8.38 7.77 9.04
CA LYS A 81 7.28 8.72 8.86
C LYS A 81 7.69 10.10 9.36
N ILE A 82 7.04 11.14 8.86
CA ILE A 82 7.21 12.44 9.46
C ILE A 82 5.86 12.67 10.14
N ALA A 83 5.85 12.66 11.48
CA ALA A 83 4.57 12.67 12.22
C ALA A 83 3.61 13.69 11.67
N MET A 84 4.09 14.91 11.38
CA MET A 84 3.22 16.02 10.95
C MET A 84 2.53 15.79 9.63
N VAL A 85 3.05 14.90 8.79
CA VAL A 85 2.40 14.70 7.49
C VAL A 85 1.98 13.28 7.23
N ASP A 86 2.44 12.31 8.02
CA ASP A 86 1.94 10.92 7.89
C ASP A 86 0.39 10.84 7.81
N PRO A 87 -0.35 11.67 8.60
CA PRO A 87 -1.85 11.54 8.59
C PRO A 87 -2.37 11.84 7.20
N PHE A 88 -1.63 12.71 6.48
CA PHE A 88 -2.01 12.98 5.11
C PHE A 88 -1.51 11.89 4.16
N PHE A 89 -0.19 11.62 4.11
CA PHE A 89 0.33 10.83 3.01
C PHE A 89 0.09 9.33 3.19
N ARG A 90 0.08 8.87 4.42
CA ARG A 90 -0.23 7.52 4.74
C ARG A 90 0.54 6.49 3.95
N GLY A 91 1.80 6.75 3.66
CA GLY A 91 2.63 5.81 2.95
C GLY A 91 2.34 5.71 1.45
N TYR A 92 1.58 6.65 0.91
CA TYR A 92 1.38 6.74 -0.57
C TYR A 92 2.34 7.76 -1.18
N GLY A 93 2.67 7.58 -2.46
CA GLY A 93 3.51 8.51 -3.14
C GLY A 93 4.99 8.15 -2.98
N VAL A 94 5.83 8.64 -3.89
CA VAL A 94 7.20 8.16 -3.90
C VAL A 94 8.00 8.38 -2.58
N ILE A 95 7.80 9.52 -1.92
CA ILE A 95 8.63 9.88 -0.78
C ILE A 95 8.30 8.98 0.41
N PHE A 96 7.01 8.74 0.62
CA PHE A 96 6.62 8.02 1.80
C PHE A 96 6.35 6.55 1.63
N ALA A 97 6.57 6.04 0.43
CA ALA A 97 6.23 4.64 0.18
C ALA A 97 7.37 3.75 0.59
N ASN A 98 7.00 2.50 0.89
CA ASN A 98 7.94 1.42 1.15
C ASN A 98 7.74 0.25 0.21
N GLY A 99 8.70 -0.66 0.24
CA GLY A 99 8.53 -1.98 -0.33
C GLY A 99 8.19 -1.85 -1.79
N ASN A 100 7.27 -2.69 -2.27
CA ASN A 100 7.12 -2.77 -3.70
C ASN A 100 6.44 -1.54 -4.30
N ARG A 101 5.54 -0.89 -3.54
CA ARG A 101 5.00 0.41 -3.98
C ARG A 101 6.12 1.42 -4.25
N TRP A 102 7.07 1.54 -3.31
CA TRP A 102 8.18 2.48 -3.58
C TRP A 102 8.90 2.15 -4.85
N LYS A 103 9.24 0.87 -5.02
CA LYS A 103 9.94 0.42 -6.23
C LYS A 103 9.23 0.79 -7.52
N VAL A 104 7.89 0.67 -7.54
CA VAL A 104 7.11 0.98 -8.72
C VAL A 104 7.09 2.49 -8.91
N LEU A 105 6.76 3.19 -7.84
CA LEU A 105 6.62 4.62 -7.91
C LEU A 105 7.95 5.35 -8.19
N ARG A 106 9.04 4.87 -7.63
CA ARG A 106 10.35 5.42 -7.89
C ARG A 106 10.71 5.24 -9.37
N ARG A 107 10.63 3.99 -9.87
CA ARG A 107 10.96 3.69 -11.29
C ARG A 107 10.08 4.55 -12.18
N PHE A 108 8.79 4.58 -11.89
CA PHE A 108 7.88 5.46 -12.71
C PHE A 108 8.30 6.92 -12.66
N SER A 109 8.47 7.48 -11.46
CA SER A 109 8.77 8.90 -11.33
C SER A 109 10.17 9.19 -11.93
N VAL A 110 11.18 8.38 -11.64
CA VAL A 110 12.50 8.69 -12.21
C VAL A 110 12.39 8.71 -13.75
N THR A 111 11.70 7.72 -14.27
CA THR A 111 11.64 7.39 -15.69
C THR A 111 10.80 8.36 -16.50
N THR A 112 9.85 9.05 -15.88
CA THR A 112 8.97 9.93 -16.64
C THR A 112 9.37 11.38 -16.40
N MET A 113 10.18 11.62 -15.37
CA MET A 113 10.82 12.92 -15.26
C MET A 113 11.80 13.12 -16.43
N ARG A 114 12.86 12.28 -16.50
CA ARG A 114 13.88 12.36 -17.57
C ARG A 114 13.32 12.29 -19.01
N ASP A 115 12.45 11.32 -19.28
CA ASP A 115 11.83 11.14 -20.61
C ASP A 115 10.46 11.87 -20.76
N PHE A 116 10.22 12.47 -21.93
CA PHE A 116 8.95 13.14 -22.24
C PHE A 116 8.39 12.71 -23.62
N LYS A 120 9.01 18.14 -27.42
CA LYS A 120 9.08 18.26 -25.95
C LYS A 120 10.49 18.71 -25.51
N ARG A 121 10.54 19.86 -24.82
CA ARG A 121 11.81 20.51 -24.38
C ARG A 121 12.68 19.68 -23.35
N SER A 122 14.01 19.86 -23.39
CA SER A 122 14.83 19.29 -22.35
C SER A 122 14.45 20.04 -21.05
N VAL A 123 14.78 19.41 -19.94
CA VAL A 123 14.84 20.05 -18.64
C VAL A 123 15.56 21.42 -18.72
N GLU A 124 16.75 21.44 -19.31
CA GLU A 124 17.56 22.65 -19.40
C GLU A 124 16.83 23.76 -20.11
N GLU A 125 16.19 23.42 -21.23
CA GLU A 125 15.46 24.45 -22.00
C GLU A 125 14.31 25.04 -21.19
N ARG A 126 13.63 24.22 -20.42
CA ARG A 126 12.50 24.74 -19.64
C ARG A 126 13.00 25.71 -18.54
N ILE A 127 14.14 25.38 -17.96
CA ILE A 127 14.70 26.22 -16.90
C ILE A 127 15.16 27.51 -17.53
N GLN A 128 15.79 27.37 -18.71
CA GLN A 128 16.25 28.56 -19.44
C GLN A 128 15.11 29.52 -19.75
N GLU A 129 13.95 28.97 -20.17
CA GLU A 129 12.78 29.83 -20.47
C GLU A 129 12.25 30.44 -19.23
N GLU A 130 12.16 29.62 -18.18
CA GLU A 130 11.65 30.17 -16.92
C GLU A 130 12.54 31.31 -16.41
N ALA A 131 13.87 31.14 -16.57
CA ALA A 131 14.88 32.15 -16.13
C ALA A 131 14.62 33.41 -16.91
N GLN A 132 14.34 33.30 -18.21
CA GLN A 132 13.99 34.53 -18.95
C GLN A 132 12.67 35.15 -18.47
N CYS A 133 11.67 34.35 -18.09
CA CYS A 133 10.46 34.97 -17.58
C CYS A 133 10.81 35.62 -16.26
N LEU A 134 11.64 34.96 -15.44
CA LEU A 134 12.01 35.60 -14.16
C LEU A 134 12.65 36.99 -14.35
N ILE A 135 13.60 37.08 -15.27
CA ILE A 135 14.32 38.32 -15.52
C ILE A 135 13.42 39.48 -16.00
N GLU A 136 12.48 39.13 -16.87
CA GLU A 136 11.46 40.08 -17.30
C GLU A 136 10.62 40.57 -16.11
N GLU A 137 10.16 39.65 -15.29
CA GLU A 137 9.48 40.01 -14.05
C GLU A 137 10.31 40.94 -13.12
N LEU A 138 11.61 40.64 -12.96
CA LEU A 138 12.44 41.42 -12.08
C LEU A 138 12.68 42.80 -12.68
N ARG A 139 12.84 42.84 -14.02
CA ARG A 139 12.85 44.14 -14.72
C ARG A 139 11.65 45.01 -14.43
N LYS A 140 10.44 44.42 -14.56
CA LYS A 140 9.18 45.17 -14.36
C LYS A 140 9.09 45.71 -12.96
N SER A 141 9.81 45.09 -12.03
CA SER A 141 9.70 45.54 -10.65
C SER A 141 10.52 46.78 -10.49
N LYS A 142 11.34 47.13 -11.49
CA LYS A 142 12.15 48.39 -11.44
C LYS A 142 12.83 48.70 -10.10
N GLY A 143 13.52 47.72 -9.52
CA GLY A 143 14.37 47.96 -8.37
C GLY A 143 13.61 48.19 -7.11
N ALA A 144 12.32 47.79 -7.09
CA ALA A 144 11.52 47.99 -5.87
C ALA A 144 11.86 46.84 -4.85
N LEU A 145 11.69 47.11 -3.56
CA LEU A 145 11.91 46.10 -2.52
C LEU A 145 10.82 45.02 -2.59
N MET A 146 11.22 43.75 -2.46
CA MET A 146 10.27 42.64 -2.30
C MET A 146 10.84 41.60 -1.34
N ASP A 147 9.99 40.67 -0.89
CA ASP A 147 10.44 39.44 -0.28
C ASP A 147 10.33 38.36 -1.36
N PRO A 148 11.47 37.96 -1.92
CA PRO A 148 11.46 37.21 -3.15
C PRO A 148 10.93 35.77 -3.00
N THR A 149 10.48 35.40 -1.81
CA THR A 149 10.00 34.04 -1.63
C THR A 149 9.05 33.56 -2.75
N PHE A 150 8.04 34.39 -3.03
CA PHE A 150 7.02 33.99 -4.06
C PHE A 150 7.64 33.69 -5.43
N LEU A 151 8.51 34.57 -5.89
CA LEU A 151 9.18 34.37 -7.17
C LEU A 151 10.02 33.12 -7.17
N PHE A 152 10.75 32.89 -6.07
CA PHE A 152 11.60 31.71 -6.03
C PHE A 152 10.77 30.43 -6.03
N GLN A 153 9.64 30.45 -5.31
CA GLN A 153 8.72 29.31 -5.37
C GLN A 153 8.13 29.18 -6.76
N SER A 154 7.83 30.30 -7.42
CA SER A 154 7.16 30.33 -8.74
C SER A 154 7.98 29.69 -9.84
N ILE A 155 9.28 30.04 -9.90
CA ILE A 155 10.14 29.51 -10.95
C ILE A 155 10.46 28.04 -10.69
N THR A 156 10.61 27.61 -9.42
CA THR A 156 10.88 26.19 -9.21
C THR A 156 9.58 25.33 -9.37
N ALA A 157 8.46 25.86 -8.89
CA ALA A 157 7.15 25.23 -9.11
C ALA A 157 6.89 25.09 -10.60
N ASN A 158 7.21 26.11 -11.39
CA ASN A 158 6.91 26.06 -12.81
C ASN A 158 7.70 25.02 -13.55
N ILE A 159 8.90 24.66 -13.06
CA ILE A 159 9.64 23.60 -13.68
C ILE A 159 8.91 22.27 -13.46
N ILE A 160 8.51 21.99 -12.22
CA ILE A 160 7.78 20.76 -11.93
C ILE A 160 6.48 20.70 -12.72
N CYS A 161 5.73 21.81 -12.68
CA CYS A 161 4.47 21.95 -13.37
C CYS A 161 4.53 21.57 -14.85
N SER A 162 5.63 21.90 -15.53
CA SER A 162 5.60 21.71 -16.96
C SER A 162 5.85 20.22 -17.22
N ILE A 163 6.53 19.55 -16.31
CA ILE A 163 6.67 18.12 -16.47
C ILE A 163 5.34 17.40 -16.11
N VAL A 164 4.64 17.90 -15.09
CA VAL A 164 3.54 17.17 -14.49
C VAL A 164 2.23 17.59 -15.13
N PHE A 165 1.90 18.87 -15.09
CA PHE A 165 0.65 19.32 -15.68
C PHE A 165 0.76 19.70 -17.16
N GLY A 166 1.94 19.64 -17.75
CA GLY A 166 2.11 20.13 -19.10
C GLY A 166 1.97 21.63 -19.30
N LYS A 167 2.22 22.45 -18.28
CA LYS A 167 1.97 23.90 -18.39
C LYS A 167 2.73 24.64 -17.28
N ARG A 168 2.94 25.95 -17.44
CA ARG A 168 3.46 26.80 -16.35
C ARG A 168 2.36 27.74 -15.99
N PHE A 169 2.43 28.37 -14.81
CA PHE A 169 1.48 29.40 -14.35
C PHE A 169 2.18 30.74 -14.37
N HIS A 170 1.41 31.84 -14.46
CA HIS A 170 1.97 33.18 -14.54
C HIS A 170 2.18 33.64 -13.13
N TYR A 171 3.22 34.41 -12.96
CA TYR A 171 3.58 34.97 -11.67
C TYR A 171 2.46 35.83 -11.03
N GLN A 172 1.52 36.28 -11.81
CA GLN A 172 0.53 37.16 -11.17
C GLN A 172 -0.86 36.47 -11.01
N ASP A 173 -0.90 35.22 -11.41
CA ASP A 173 -2.04 34.38 -11.13
C ASP A 173 -2.29 34.13 -9.58
N GLN A 174 -3.35 34.76 -9.04
CA GLN A 174 -3.63 34.65 -7.59
C GLN A 174 -3.99 33.23 -7.15
N GLU A 175 -4.45 32.39 -8.07
CA GLU A 175 -4.70 31.00 -7.71
C GLU A 175 -3.36 30.22 -7.59
N PHE A 176 -2.43 30.44 -8.52
CA PHE A 176 -1.08 29.89 -8.38
C PHE A 176 -0.51 30.36 -7.06
N LEU A 177 -0.56 31.68 -6.79
CA LEU A 177 0.07 32.22 -5.60
C LEU A 177 -0.50 31.64 -4.31
N LYS A 178 -1.79 31.37 -4.34
CA LYS A 178 -2.47 30.84 -3.19
C LYS A 178 -1.93 29.41 -2.90
N MET A 179 -1.71 28.62 -3.93
CA MET A 179 -1.12 27.27 -3.72
C MET A 179 0.33 27.33 -3.21
N LEU A 180 1.07 28.33 -3.69
CA LEU A 180 2.45 28.56 -3.27
C LEU A 180 2.49 28.94 -1.81
N ASN A 181 1.57 29.80 -1.39
CA ASN A 181 1.40 30.14 0.03
C ASN A 181 1.17 28.92 0.90
N LEU A 182 0.37 28.00 0.41
CA LEU A 182 0.10 26.84 1.21
C LEU A 182 1.36 25.98 1.33
N PHE A 183 2.18 25.90 0.28
CA PHE A 183 3.44 25.13 0.32
C PHE A 183 4.43 25.73 1.31
N TYR A 184 4.53 27.03 1.28
CA TYR A 184 5.31 27.79 2.20
C TYR A 184 4.89 27.69 3.67
N GLN A 185 3.63 27.95 3.95
CA GLN A 185 3.13 27.83 5.33
C GLN A 185 3.32 26.43 5.92
N THR A 186 3.07 25.42 5.14
CA THR A 186 3.18 24.03 5.55
C THR A 186 4.58 23.59 5.87
N PHE A 187 5.54 23.90 5.00
CA PHE A 187 6.96 23.63 5.25
C PHE A 187 7.37 24.28 6.57
N SER A 188 7.01 25.54 6.78
CA SER A 188 7.27 26.23 8.06
C SER A 188 6.66 25.57 9.27
N LEU A 189 5.36 25.32 9.19
CA LEU A 189 4.62 24.68 10.29
C LEU A 189 5.23 23.31 10.69
N ILE A 190 5.54 22.52 9.67
CA ILE A 190 6.18 21.24 9.85
C ILE A 190 7.50 21.44 10.61
N SER A 191 8.24 22.53 10.29
CA SER A 191 9.63 22.65 10.79
C SER A 191 9.64 23.39 12.11
N SER A 192 8.46 23.85 12.52
CA SER A 192 8.33 24.62 13.75
C SER A 192 8.60 23.81 15.04
N VAL A 193 8.72 24.52 16.16
CA VAL A 193 8.88 23.84 17.44
C VAL A 193 7.71 22.85 17.73
N PHE A 194 6.47 23.27 17.44
CA PHE A 194 5.35 22.35 17.59
C PHE A 194 5.54 21.13 16.72
N GLY A 195 6.03 21.32 15.49
CA GLY A 195 6.26 20.16 14.61
C GLY A 195 7.29 19.19 15.18
N GLN A 196 8.31 19.71 15.88
CA GLN A 196 9.32 18.84 16.50
C GLN A 196 8.72 18.11 17.72
N LEU A 197 7.94 18.85 18.51
CA LEU A 197 7.22 18.27 19.63
C LEU A 197 6.31 17.16 19.12
N PHE A 198 5.63 17.44 18.02
CA PHE A 198 4.72 16.47 17.48
C PHE A 198 5.42 15.17 17.05
N GLU A 199 6.67 15.31 16.62
CA GLU A 199 7.44 14.14 16.24
C GLU A 199 7.64 13.27 17.48
N LEU A 200 7.75 13.90 18.64
CA LEU A 200 7.91 13.09 19.83
C LEU A 200 6.56 12.53 20.30
N PHE A 201 5.50 13.36 20.25
CA PHE A 201 4.30 13.02 20.97
C PHE A 201 2.98 12.99 20.18
N SER A 202 3.04 12.57 18.92
CA SER A 202 1.90 12.72 18.04
C SER A 202 0.72 11.95 18.62
N GLY A 203 0.99 10.69 19.02
CA GLY A 203 0.06 9.81 19.79
C GLY A 203 -0.86 10.51 20.78
N PHE A 204 -0.31 11.42 21.58
CA PHE A 204 -1.05 12.23 22.53
C PHE A 204 -1.57 13.50 21.87
N LEU A 205 -0.68 14.24 21.20
CA LEU A 205 -1.03 15.60 20.76
C LEU A 205 -2.13 15.69 19.69
N LYS A 206 -2.26 14.62 18.92
CA LYS A 206 -3.19 14.58 17.80
C LYS A 206 -4.63 14.86 18.24
N HIS A 207 -4.94 14.56 19.51
CA HIS A 207 -6.30 14.70 20.04
C HIS A 207 -6.66 16.16 20.31
N PHE A 208 -5.67 17.04 20.20
CA PHE A 208 -5.86 18.42 20.51
C PHE A 208 -5.71 19.29 19.25
N PRO A 209 -6.14 20.55 19.36
CA PRO A 209 -5.90 21.50 18.29
C PRO A 209 -4.39 21.81 18.20
N GLY A 210 -3.96 22.31 17.04
CA GLY A 210 -2.56 22.59 16.80
C GLY A 210 -2.18 22.52 15.32
N ALA A 211 -0.89 22.69 15.06
CA ALA A 211 -0.38 22.93 13.70
C ALA A 211 -0.62 21.74 12.80
N HIS A 212 -0.66 20.54 13.38
CA HIS A 212 -0.83 19.33 12.58
C HIS A 212 -2.16 19.37 11.74
N ARG A 213 -3.19 20.03 12.30
CA ARG A 213 -4.50 20.12 11.63
C ARG A 213 -4.43 21.14 10.52
N GLN A 214 -3.67 22.19 10.75
CA GLN A 214 -3.53 23.20 9.71
C GLN A 214 -2.76 22.58 8.54
N VAL A 215 -1.74 21.77 8.84
CA VAL A 215 -0.93 21.17 7.77
C VAL A 215 -1.79 20.21 6.98
N TYR A 216 -2.56 19.41 7.71
CA TYR A 216 -3.49 18.48 7.07
C TYR A 216 -4.48 19.17 6.09
N LYS A 217 -5.07 20.25 6.57
CA LYS A 217 -6.01 21.06 5.81
C LYS A 217 -5.36 21.72 4.54
N ASN A 218 -4.18 22.36 4.71
CA ASN A 218 -3.36 22.89 3.59
C ASN A 218 -3.09 21.82 2.53
N LEU A 219 -2.59 20.67 2.97
CA LEU A 219 -2.38 19.62 2.00
C LEU A 219 -3.68 19.13 1.26
N GLN A 220 -4.83 19.08 1.97
CA GLN A 220 -6.13 18.73 1.32
C GLN A 220 -6.48 19.69 0.24
N GLU A 221 -6.25 20.96 0.55
CA GLU A 221 -6.51 22.02 -0.38
C GLU A 221 -5.66 21.87 -1.62
N ILE A 222 -4.38 21.57 -1.46
CA ILE A 222 -3.57 21.31 -2.66
C ILE A 222 -4.04 20.02 -3.37
N ASN A 223 -4.30 18.98 -2.56
CA ASN A 223 -4.92 17.75 -3.06
C ASN A 223 -6.17 18.00 -3.94
N ALA A 224 -7.06 18.90 -3.51
CA ALA A 224 -8.25 19.24 -4.33
C ALA A 224 -7.92 19.77 -5.75
N TYR A 225 -6.95 20.71 -5.91
CA TYR A 225 -6.52 21.10 -7.31
C TYR A 225 -6.01 19.91 -8.11
N ILE A 226 -5.27 19.02 -7.47
CA ILE A 226 -4.64 17.98 -8.23
C ILE A 226 -5.69 16.97 -8.69
N GLY A 227 -6.69 16.77 -7.84
CA GLY A 227 -7.82 15.85 -8.18
C GLY A 227 -8.57 16.36 -9.41
N HIS A 228 -8.82 17.66 -9.43
CA HIS A 228 -9.47 18.34 -10.52
C HIS A 228 -8.64 18.24 -11.82
N SER A 229 -7.30 18.33 -11.71
CA SER A 229 -6.46 18.37 -12.89
C SER A 229 -6.44 16.99 -13.47
N VAL A 230 -6.36 15.99 -12.59
CA VAL A 230 -6.38 14.62 -13.04
C VAL A 230 -7.67 14.39 -13.87
N GLU A 231 -8.77 15.00 -13.44
CA GLU A 231 -10.07 14.79 -14.09
C GLU A 231 -10.06 15.37 -15.52
N LYS A 232 -9.71 16.64 -15.65
CA LYS A 232 -9.54 17.33 -16.94
C LYS A 232 -8.58 16.65 -17.90
N HIS A 233 -7.61 15.92 -17.36
CA HIS A 233 -6.68 15.16 -18.18
C HIS A 233 -7.32 13.90 -18.69
N ARG A 234 -7.99 13.18 -17.78
CA ARG A 234 -8.67 11.94 -18.12
C ARG A 234 -9.64 12.22 -19.29
N GLU A 235 -10.42 13.31 -19.18
CA GLU A 235 -11.33 13.76 -20.23
C GLU A 235 -10.71 14.10 -21.59
N THR A 236 -9.43 14.41 -21.64
CA THR A 236 -8.86 14.85 -22.90
C THR A 236 -7.68 13.99 -23.27
N LEU A 237 -7.57 12.86 -22.62
CA LEU A 237 -6.43 11.99 -22.75
C LEU A 237 -6.38 11.39 -24.14
N ASP A 238 -5.23 11.47 -24.82
CA ASP A 238 -5.06 10.78 -26.09
C ASP A 238 -4.04 9.68 -25.93
N PRO A 239 -4.49 8.42 -25.84
CA PRO A 239 -3.52 7.36 -25.58
C PRO A 239 -2.24 7.34 -26.43
N SER A 240 -2.28 7.87 -27.66
CA SER A 240 -1.12 7.77 -28.57
C SER A 240 -0.16 8.99 -28.47
N ALA A 241 -0.59 9.99 -27.68
CA ALA A 241 0.20 11.18 -27.45
C ALA A 241 0.00 11.71 -26.00
N PRO A 242 0.59 11.02 -24.98
CA PRO A 242 0.52 11.52 -23.61
C PRO A 242 1.24 12.86 -23.49
N ARG A 243 0.58 13.85 -22.92
CA ARG A 243 1.11 15.20 -22.80
C ARG A 243 2.18 15.36 -21.69
N ASP A 244 2.06 14.60 -20.59
CA ASP A 244 2.79 14.94 -19.37
C ASP A 244 2.70 13.78 -18.41
N LEU A 245 3.25 13.97 -17.22
CA LEU A 245 3.38 12.90 -16.30
C LEU A 245 2.01 12.34 -15.82
N ILE A 246 1.03 13.20 -15.60
CA ILE A 246 -0.31 12.69 -15.25
C ILE A 246 -0.88 11.74 -16.35
N ASP A 247 -0.83 12.17 -17.62
CA ASP A 247 -1.24 11.34 -18.78
C ASP A 247 -0.57 10.00 -18.74
N THR A 248 0.75 10.01 -18.55
CA THR A 248 1.52 8.76 -18.51
C THR A 248 1.07 7.81 -17.34
N TYR A 249 0.76 8.41 -16.20
CA TYR A 249 0.32 7.62 -15.06
C TYR A 249 -1.06 6.97 -15.43
N LEU A 250 -1.94 7.75 -16.04
CA LEU A 250 -3.25 7.29 -16.52
C LEU A 250 -3.15 6.13 -17.50
N LEU A 251 -2.19 6.19 -18.39
CA LEU A 251 -2.00 5.10 -19.31
C LEU A 251 -1.63 3.83 -18.58
N HIS A 252 -0.73 3.94 -17.60
CA HIS A 252 -0.32 2.79 -16.82
C HIS A 252 -1.48 2.26 -15.99
N MET A 253 -2.34 3.18 -15.53
CA MET A 253 -3.48 2.80 -14.78
C MET A 253 -4.42 1.92 -15.64
N GLU A 254 -4.71 2.39 -16.85
CA GLU A 254 -5.40 1.61 -17.88
C GLU A 254 -4.81 0.24 -18.10
N LYS A 255 -3.52 0.19 -18.36
CA LYS A 255 -2.82 -1.06 -18.69
C LYS A 255 -2.93 -2.12 -17.57
N GLU A 256 -2.93 -1.66 -16.29
CA GLU A 256 -2.94 -2.59 -15.16
C GLU A 256 -4.35 -2.72 -14.49
N LYS A 257 -5.42 -2.23 -15.14
CA LYS A 257 -6.75 -2.21 -14.50
C LYS A 257 -7.29 -3.56 -14.10
N SER A 258 -6.78 -4.63 -14.69
CA SER A 258 -7.29 -5.90 -14.32
C SER A 258 -6.55 -6.45 -13.08
N ASN A 259 -5.57 -5.73 -12.52
CA ASN A 259 -4.88 -6.20 -11.31
C ASN A 259 -5.39 -5.36 -10.14
N ALA A 260 -6.24 -5.92 -9.28
CA ALA A 260 -6.77 -5.15 -8.19
C ALA A 260 -5.64 -4.60 -7.28
N HIS A 261 -4.47 -5.28 -7.26
CA HIS A 261 -3.36 -4.83 -6.39
C HIS A 261 -2.39 -3.88 -7.15
N SER A 262 -2.84 -3.30 -8.24
CA SER A 262 -1.95 -2.43 -9.02
C SER A 262 -1.57 -1.25 -8.12
N GLU A 263 -0.30 -0.90 -8.19
CA GLU A 263 0.20 0.31 -7.48
C GLU A 263 -0.26 1.59 -8.12
N PHE A 264 -0.65 1.50 -9.40
CA PHE A 264 -1.11 2.70 -10.08
C PHE A 264 -2.51 3.05 -9.71
N SER A 265 -2.74 3.30 -8.43
CA SER A 265 -4.05 3.64 -7.91
C SER A 265 -4.27 5.14 -8.00
N HIS A 266 -5.50 5.58 -7.71
CA HIS A 266 -5.85 6.98 -7.62
C HIS A 266 -5.23 7.77 -6.43
N GLN A 267 -5.04 7.10 -5.32
CA GLN A 267 -4.45 7.76 -4.15
C GLN A 267 -2.93 7.94 -4.40
N ASN A 268 -2.28 6.94 -4.99
CA ASN A 268 -0.91 7.06 -5.40
C ASN A 268 -0.80 8.19 -6.43
N LEU A 269 -1.76 8.22 -7.39
CA LEU A 269 -1.82 9.31 -8.35
C LEU A 269 -1.77 10.65 -7.68
N ASN A 270 -2.78 10.98 -6.89
CA ASN A 270 -2.83 12.25 -6.22
C ASN A 270 -1.60 12.50 -5.33
N LEU A 271 -1.19 11.52 -4.57
CA LEU A 271 -0.22 11.79 -3.51
C LEU A 271 1.24 11.73 -4.02
N ASN A 272 1.50 10.91 -5.01
CA ASN A 272 2.77 10.97 -5.67
C ASN A 272 2.93 12.33 -6.34
N THR A 273 1.94 12.79 -7.06
CA THR A 273 2.03 14.06 -7.76
C THR A 273 2.34 15.22 -6.82
N LEU A 274 1.54 15.25 -5.76
CA LEU A 274 1.69 16.18 -4.68
C LEU A 274 3.05 16.08 -4.00
N SER A 275 3.56 14.89 -3.84
CA SER A 275 4.90 14.68 -3.31
C SER A 275 5.96 15.32 -4.26
N LEU A 276 5.82 15.10 -5.57
CA LEU A 276 6.75 15.70 -6.52
C LEU A 276 6.66 17.20 -6.46
N PHE A 277 5.47 17.72 -6.31
CA PHE A 277 5.26 19.14 -6.17
C PHE A 277 5.81 19.76 -4.95
N PHE A 278 5.51 19.20 -3.80
CA PHE A 278 5.97 19.76 -2.58
C PHE A 278 7.47 19.85 -2.66
N ALA A 279 8.14 18.71 -2.79
CA ALA A 279 9.59 18.57 -2.84
C ALA A 279 10.19 19.39 -3.95
N GLY A 280 9.55 19.33 -5.09
CA GLY A 280 9.95 20.17 -6.23
C GLY A 280 9.96 21.67 -6.03
N THR A 281 9.15 22.19 -5.13
CA THR A 281 8.99 23.62 -5.03
C THR A 281 9.81 24.12 -3.85
N GLU A 282 9.59 23.51 -2.70
CA GLU A 282 10.05 24.08 -1.45
C GLU A 282 11.54 23.89 -1.15
N THR A 283 12.14 22.91 -1.79
CA THR A 283 13.50 22.58 -1.49
C THR A 283 14.35 23.66 -2.22
N THR A 284 14.24 23.67 -3.54
CA THR A 284 15.05 24.61 -4.32
C THR A 284 14.78 26.04 -4.03
N SER A 285 13.52 26.38 -3.78
CA SER A 285 13.20 27.78 -3.48
C SER A 285 13.74 28.21 -2.12
N THR A 286 13.81 27.30 -1.16
CA THR A 286 14.34 27.69 0.11
C THR A 286 15.86 27.93 -0.02
N THR A 287 16.55 27.10 -0.82
CA THR A 287 18.00 27.26 -1.01
C THR A 287 18.29 28.61 -1.66
N LEU A 288 17.45 28.97 -2.63
CA LEU A 288 17.52 30.26 -3.30
C LEU A 288 17.34 31.39 -2.36
N ARG A 289 16.36 31.27 -1.46
CA ARG A 289 16.13 32.29 -0.45
C ARG A 289 17.37 32.50 0.41
N TYR A 290 17.99 31.41 0.87
CA TYR A 290 19.18 31.52 1.71
C TYR A 290 20.29 32.11 0.87
N GLY A 291 20.39 31.65 -0.40
CA GLY A 291 21.39 32.08 -1.36
C GLY A 291 21.47 33.57 -1.54
N PHE A 292 20.33 34.20 -1.74
CA PHE A 292 20.30 35.68 -1.92
C PHE A 292 20.45 36.45 -0.69
N LEU A 293 20.02 35.88 0.43
CA LEU A 293 20.37 36.48 1.69
C LEU A 293 21.90 36.42 1.91
N LEU A 294 22.54 35.31 1.52
CA LEU A 294 23.96 35.18 1.71
C LEU A 294 24.65 36.20 0.85
N MET A 295 24.08 36.47 -0.34
CA MET A 295 24.66 37.46 -1.26
C MET A 295 24.60 38.88 -0.76
N LEU A 296 23.51 39.20 -0.05
CA LEU A 296 23.39 40.50 0.59
C LEU A 296 24.46 40.61 1.70
N LYS A 297 24.73 39.54 2.43
CA LYS A 297 25.59 39.66 3.60
C LYS A 297 27.07 39.70 3.13
N TYR A 298 27.33 39.10 1.96
CA TYR A 298 28.66 38.95 1.39
C TYR A 298 28.67 39.44 -0.04
N PRO A 299 28.50 40.76 -0.26
CA PRO A 299 28.41 41.35 -1.59
C PRO A 299 29.71 41.16 -2.35
N HIS A 300 30.85 41.00 -1.68
CA HIS A 300 32.08 40.75 -2.46
C HIS A 300 32.01 39.38 -3.09
N VAL A 301 31.33 38.41 -2.48
CA VAL A 301 31.17 37.15 -3.19
C VAL A 301 30.29 37.28 -4.54
N ALA A 302 29.20 38.04 -4.42
CA ALA A 302 28.23 38.25 -5.50
C ALA A 302 28.99 38.95 -6.61
N GLU A 303 29.81 39.94 -6.26
CA GLU A 303 30.60 40.69 -7.24
C GLU A 303 31.64 39.86 -7.93
N ARG A 304 32.24 38.92 -7.18
CA ARG A 304 33.16 38.01 -7.81
C ARG A 304 32.47 36.99 -8.74
N VAL A 305 31.33 36.47 -8.30
CA VAL A 305 30.49 35.63 -9.20
C VAL A 305 30.16 36.42 -10.48
N TYR A 306 29.74 37.66 -10.33
CA TYR A 306 29.44 38.45 -11.51
C TYR A 306 30.66 38.67 -12.44
N ARG A 307 31.85 38.88 -11.89
CA ARG A 307 33.02 38.97 -12.72
C ARG A 307 33.25 37.70 -13.49
N GLU A 308 32.98 36.55 -12.88
CA GLU A 308 33.16 35.33 -13.65
C GLU A 308 32.08 35.13 -14.78
N ILE A 309 30.84 35.50 -14.46
CA ILE A 309 29.82 35.40 -15.46
C ILE A 309 30.25 36.24 -16.67
N GLU A 310 30.67 37.46 -16.37
CA GLU A 310 31.05 38.47 -17.40
C GLU A 310 32.07 37.90 -18.34
N GLN A 311 33.10 37.36 -17.74
CA GLN A 311 34.26 36.87 -18.43
C GLN A 311 33.96 35.55 -19.16
N VAL A 312 33.13 34.68 -18.59
CA VAL A 312 32.91 33.36 -19.22
C VAL A 312 31.71 33.44 -20.16
N ILE A 313 30.66 34.13 -19.75
CA ILE A 313 29.37 34.09 -20.50
C ILE A 313 29.18 35.40 -21.24
N GLY A 314 29.55 36.50 -20.58
CA GLY A 314 29.26 37.85 -21.11
C GLY A 314 27.93 38.38 -20.59
N PRO A 315 27.62 39.62 -20.93
CA PRO A 315 26.45 40.29 -20.32
C PRO A 315 25.08 39.87 -20.79
N HIS A 316 24.98 39.17 -21.91
CA HIS A 316 23.70 38.87 -22.50
C HIS A 316 23.33 37.45 -22.88
N ARG A 317 24.30 36.70 -23.41
CA ARG A 317 23.99 35.34 -23.87
C ARG A 317 23.45 34.55 -22.64
N PRO A 318 22.25 33.94 -22.75
CA PRO A 318 21.71 33.14 -21.61
C PRO A 318 22.68 32.09 -21.08
N PRO A 319 22.90 32.01 -19.75
CA PRO A 319 23.69 30.91 -19.21
C PRO A 319 23.15 29.53 -19.61
N GLU A 320 24.04 28.54 -19.67
CA GLU A 320 23.64 27.19 -20.06
C GLU A 320 24.40 26.19 -19.21
N LEU A 321 23.96 24.92 -19.11
CA LEU A 321 24.63 23.98 -18.23
C LEU A 321 26.11 23.78 -18.62
N HIS A 322 26.41 23.90 -19.92
CA HIS A 322 27.77 23.63 -20.36
C HIS A 322 28.71 24.76 -19.83
N ASP A 323 28.15 25.87 -19.37
CA ASP A 323 28.98 26.90 -18.70
C ASP A 323 29.62 26.47 -17.35
N ARG A 324 29.00 25.51 -16.65
CA ARG A 324 29.39 25.15 -15.28
C ARG A 324 30.86 24.80 -15.12
N ALA A 325 31.34 23.94 -16.00
CA ALA A 325 32.71 23.44 -15.90
C ALA A 325 33.71 24.56 -16.05
N LYS A 326 33.31 25.73 -16.56
CA LYS A 326 34.23 26.84 -16.82
C LYS A 326 34.03 27.90 -15.81
N MET A 327 33.10 27.65 -14.86
CA MET A 327 32.83 28.59 -13.79
C MET A 327 33.05 27.99 -12.40
N PRO A 328 34.33 27.65 -12.06
CA PRO A 328 34.56 27.00 -10.79
C PRO A 328 34.13 27.87 -9.59
N TYR A 329 34.38 29.18 -9.63
CA TYR A 329 33.98 30.03 -8.53
C TYR A 329 32.46 29.97 -8.27
N THR A 330 31.65 30.10 -9.33
CA THR A 330 30.20 30.13 -9.20
C THR A 330 29.72 28.79 -8.65
N GLU A 331 30.37 27.71 -9.08
CA GLU A 331 29.99 26.42 -8.57
C GLU A 331 30.33 26.26 -7.13
N ALA A 332 31.45 26.83 -6.72
CA ALA A 332 31.85 26.79 -5.30
C ALA A 332 30.86 27.54 -4.45
N VAL A 333 30.35 28.65 -4.98
CA VAL A 333 29.42 29.52 -4.22
C VAL A 333 28.09 28.76 -4.04
N ILE A 334 27.65 28.10 -5.11
CA ILE A 334 26.45 27.30 -5.07
C ILE A 334 26.62 26.07 -4.13
N TYR A 335 27.75 25.33 -4.24
CA TYR A 335 27.99 24.29 -3.24
C TYR A 335 27.90 24.84 -1.80
N GLU A 336 28.51 25.98 -1.58
CA GLU A 336 28.65 26.51 -0.24
C GLU A 336 27.29 26.99 0.29
N ILE A 337 26.49 27.55 -0.61
CA ILE A 337 25.09 27.90 -0.29
C ILE A 337 24.34 26.67 0.17
N GLN A 338 24.46 25.57 -0.57
CA GLN A 338 23.83 24.32 -0.13
C GLN A 338 24.37 23.76 1.19
N ARG A 339 25.69 23.80 1.33
CA ARG A 339 26.35 23.29 2.53
C ARG A 339 25.89 24.12 3.72
N PHE A 340 26.04 25.43 3.60
CA PHE A 340 25.67 26.36 4.67
C PHE A 340 24.15 26.29 5.03
N SER A 341 23.31 26.22 3.99
CA SER A 341 21.87 26.23 4.16
C SER A 341 21.46 25.01 4.96
N ASP A 342 21.93 23.85 4.53
CA ASP A 342 21.68 22.62 5.30
C ASP A 342 20.11 22.41 5.31
N LEU A 343 19.55 22.38 4.11
CA LEU A 343 18.08 22.32 3.90
C LEU A 343 17.30 21.38 4.86
N LEU A 344 17.72 20.12 4.86
CA LEU A 344 17.14 19.08 5.74
C LEU A 344 18.25 18.53 6.67
N PRO A 345 18.44 19.13 7.83
CA PRO A 345 19.60 18.84 8.70
C PRO A 345 19.62 17.35 9.16
N MET A 346 18.44 16.72 9.34
CA MET A 346 18.32 15.30 9.72
C MET A 346 17.83 14.48 8.57
N GLY A 347 17.94 15.03 7.36
CA GLY A 347 17.46 14.29 6.19
C GLY A 347 15.97 13.93 6.32
N VAL A 348 15.57 12.82 5.69
CA VAL A 348 14.21 12.31 5.79
C VAL A 348 14.30 10.94 6.52
N PRO A 349 13.41 10.63 7.49
CA PRO A 349 13.60 9.41 8.29
C PRO A 349 13.65 8.13 7.46
N HIS A 350 14.57 7.25 7.82
CA HIS A 350 14.62 5.93 7.26
C HIS A 350 14.10 4.93 8.29
N ILE A 351 13.97 3.64 7.92
CA ILE A 351 13.80 2.61 8.93
C ILE A 351 14.58 1.40 8.51
N VAL A 352 14.98 0.58 9.46
CA VAL A 352 15.63 -0.66 9.01
C VAL A 352 14.60 -1.75 8.59
N THR A 353 14.86 -2.35 7.44
CA THR A 353 13.95 -3.30 6.77
C THR A 353 14.19 -4.76 7.20
N GLN A 354 15.30 -5.04 7.90
CA GLN A 354 15.64 -6.35 8.45
C GLN A 354 16.66 -6.20 9.59
N HIS A 355 16.63 -7.10 10.57
CA HIS A 355 17.63 -7.16 11.66
C HIS A 355 19.05 -6.94 11.06
N THR A 356 19.80 -6.03 11.67
CA THR A 356 21.09 -5.66 11.06
C THR A 356 22.13 -5.30 12.13
N SER A 357 23.38 -5.63 11.82
CA SER A 357 24.52 -5.31 12.66
C SER A 357 25.11 -4.07 12.11
N PHE A 358 25.52 -3.16 12.99
CA PHE A 358 26.13 -1.91 12.57
C PHE A 358 27.11 -1.53 13.64
N ARG A 359 28.40 -1.62 13.32
CA ARG A 359 29.48 -1.27 14.26
C ARG A 359 29.27 -1.97 15.60
N GLY A 360 28.94 -3.25 15.52
CA GLY A 360 28.83 -4.06 16.71
C GLY A 360 27.47 -4.05 17.35
N TYR A 361 26.69 -3.00 17.09
CA TYR A 361 25.37 -2.93 17.68
C TYR A 361 24.38 -3.79 16.90
N ILE A 362 23.23 -4.06 17.48
CA ILE A 362 22.24 -4.78 16.71
C ILE A 362 21.02 -3.89 16.59
N ILE A 363 20.61 -3.64 15.36
CA ILE A 363 19.45 -2.78 15.11
C ILE A 363 18.27 -3.60 14.61
N PRO A 364 17.30 -3.84 15.49
CA PRO A 364 16.11 -4.62 15.13
C PRO A 364 15.42 -4.07 13.89
N LYS A 365 14.60 -4.89 13.23
CA LYS A 365 13.88 -4.47 12.03
C LYS A 365 12.71 -3.55 12.38
N ASP A 366 12.57 -2.48 11.62
CA ASP A 366 11.48 -1.52 11.86
C ASP A 366 11.91 -0.52 12.90
N THR A 367 13.22 -0.38 13.10
CA THR A 367 13.79 0.68 13.93
C THR A 367 14.11 1.92 13.09
N GLU A 368 13.48 3.03 13.45
CA GLU A 368 13.70 4.29 12.76
C GLU A 368 15.15 4.74 12.84
N VAL A 369 15.65 5.35 11.77
CA VAL A 369 17.03 5.82 11.73
C VAL A 369 17.02 7.22 11.13
N PHE A 370 17.56 8.22 11.85
CA PHE A 370 17.87 9.51 11.22
C PHE A 370 19.35 9.61 10.78
N LEU A 371 19.58 9.94 9.51
CA LEU A 371 20.92 10.25 9.07
C LEU A 371 21.07 11.75 9.24
N ILE A 372 21.93 12.19 10.17
CA ILE A 372 22.06 13.63 10.38
C ILE A 372 23.03 14.23 9.37
N LEU A 373 22.46 14.64 8.25
CA LEU A 373 23.22 15.10 7.14
C LEU A 373 23.99 16.36 7.53
N SER A 374 23.45 17.14 8.48
CA SER A 374 24.06 18.36 8.94
C SER A 374 25.49 18.10 9.47
N THR A 375 25.72 16.89 10.00
CA THR A 375 27.02 16.60 10.65
C THR A 375 28.05 16.31 9.57
N ALA A 376 27.62 15.79 8.44
CA ALA A 376 28.59 15.67 7.36
C ALA A 376 28.88 17.05 6.75
N LEU A 377 27.83 17.87 6.59
CA LEU A 377 28.01 19.18 5.99
C LEU A 377 28.79 20.18 6.84
N HIS A 378 28.82 19.97 8.16
CA HIS A 378 29.57 20.79 9.08
C HIS A 378 30.82 20.10 9.63
N ASP A 379 31.28 19.07 8.97
CA ASP A 379 32.42 18.33 9.46
C ASP A 379 33.73 19.15 9.30
N PRO A 380 34.35 19.54 10.41
CA PRO A 380 35.51 20.43 10.34
C PRO A 380 36.73 19.74 9.77
N HIS A 381 36.72 18.43 9.56
CA HIS A 381 37.85 17.89 8.85
C HIS A 381 37.78 18.24 7.39
N TYR A 382 36.58 18.42 6.83
CA TYR A 382 36.49 18.79 5.41
C TYR A 382 36.34 20.28 5.16
N PHE A 383 35.74 20.97 6.10
CA PHE A 383 35.42 22.38 6.00
C PHE A 383 35.94 23.11 7.27
N GLU A 384 37.10 23.75 7.12
CA GLU A 384 37.70 24.53 8.18
C GLU A 384 36.72 25.61 8.55
N LYS A 385 36.46 25.84 9.83
CA LYS A 385 35.45 26.84 10.20
C LYS A 385 34.08 26.57 9.50
N PRO A 386 33.45 25.45 9.82
CA PRO A 386 32.27 24.96 9.14
C PRO A 386 30.98 25.76 9.43
N ASP A 387 31.00 26.60 10.46
CA ASP A 387 29.85 27.41 10.76
C ASP A 387 29.86 28.73 10.04
N ALA A 388 30.92 29.04 9.29
CA ALA A 388 30.92 30.27 8.46
C ALA A 388 30.65 29.99 6.96
N PHE A 389 30.06 30.96 6.27
CA PHE A 389 29.84 30.87 4.85
C PHE A 389 31.14 31.18 4.13
N ASN A 390 31.66 30.28 3.33
CA ASN A 390 32.92 30.60 2.73
C ASN A 390 32.96 29.69 1.59
N PRO A 391 33.00 30.24 0.37
CA PRO A 391 33.13 29.49 -0.88
C PRO A 391 34.48 28.79 -1.04
N ASP A 392 35.53 29.26 -0.33
CA ASP A 392 36.84 28.56 -0.40
C ASP A 392 36.71 27.14 0.12
N HIS A 393 35.68 26.87 0.95
CA HIS A 393 35.37 25.47 1.27
C HIS A 393 35.35 24.60 0.07
N PHE A 394 35.05 25.16 -1.10
CA PHE A 394 34.96 24.29 -2.28
C PHE A 394 35.92 24.67 -3.39
N LEU A 395 37.00 25.37 -3.04
CA LEU A 395 38.10 25.73 -4.02
C LEU A 395 39.44 25.15 -3.57
N ASP A 396 40.24 24.65 -4.51
CA ASP A 396 41.63 24.33 -4.13
C ASP A 396 42.55 25.55 -4.12
N ALA A 397 43.84 25.24 -3.94
CA ALA A 397 44.95 26.23 -3.97
C ALA A 397 44.92 27.18 -5.21
N ASN A 398 44.76 26.58 -6.38
CA ASN A 398 44.66 27.28 -7.69
C ASN A 398 43.34 27.96 -8.07
N GLY A 399 42.36 28.01 -7.16
CA GLY A 399 41.01 28.45 -7.53
C GLY A 399 40.23 27.46 -8.41
N ALA A 400 40.62 26.19 -8.44
CA ALA A 400 39.79 25.19 -9.15
C ALA A 400 38.73 24.57 -8.22
N LEU A 401 37.64 24.07 -8.78
CA LEU A 401 36.58 23.45 -7.99
C LEU A 401 37.10 22.24 -7.21
N LYS A 402 36.77 22.18 -5.93
CA LYS A 402 37.17 21.04 -5.09
C LYS A 402 35.94 20.37 -4.46
N LYS A 403 35.49 19.30 -5.09
CA LYS A 403 34.37 18.54 -4.59
C LYS A 403 34.86 17.66 -3.47
N THR A 404 33.95 17.26 -2.60
CA THR A 404 34.30 16.41 -1.48
C THR A 404 33.15 15.44 -1.18
N GLU A 405 33.56 14.28 -0.74
CA GLU A 405 32.72 13.23 -0.20
C GLU A 405 31.76 13.65 0.89
N ALA A 406 32.10 14.69 1.66
CA ALA A 406 31.30 15.11 2.80
C ALA A 406 30.09 15.88 2.31
N PHE A 407 30.11 16.25 1.04
CA PHE A 407 29.03 17.10 0.49
C PHE A 407 27.81 16.21 0.11
N ILE A 408 26.94 15.94 1.09
CA ILE A 408 25.81 15.04 0.85
C ILE A 408 24.43 15.66 1.19
N PRO A 409 24.14 16.89 0.72
CA PRO A 409 22.86 17.49 1.06
C PRO A 409 21.63 16.77 0.35
N PHE A 410 21.90 15.89 -0.61
CA PHE A 410 20.85 15.05 -1.26
C PHE A 410 20.80 13.65 -0.65
N SER A 411 21.59 13.43 0.38
CA SER A 411 21.74 12.10 0.96
C SER A 411 22.48 11.16 0.02
N LEU A 412 22.36 9.86 0.28
CA LEU A 412 22.99 8.82 -0.52
C LEU A 412 22.08 7.61 -0.66
N GLY A 413 22.47 6.68 -1.53
CA GLY A 413 21.96 5.29 -1.52
C GLY A 413 20.66 5.20 -2.33
N LYS A 414 19.73 4.33 -1.91
CA LYS A 414 18.58 3.96 -2.76
C LYS A 414 17.53 5.07 -2.74
N ARG A 415 17.46 5.75 -1.62
CA ARG A 415 16.53 6.80 -1.41
C ARG A 415 17.06 8.17 -1.77
N ILE A 416 18.25 8.24 -2.37
CA ILE A 416 18.89 9.53 -2.64
C ILE A 416 17.90 10.41 -3.41
N CYS A 417 17.91 11.71 -3.16
CA CYS A 417 16.96 12.61 -3.83
C CYS A 417 16.90 12.31 -5.32
N LEU A 418 15.69 12.03 -5.86
CA LEU A 418 15.59 11.70 -7.27
C LEU A 418 15.59 12.99 -8.09
N GLY A 419 15.39 14.16 -7.45
CA GLY A 419 15.41 15.43 -8.11
C GLY A 419 16.76 16.11 -8.14
N GLU A 420 17.81 15.38 -7.86
CA GLU A 420 19.13 15.98 -7.65
C GLU A 420 19.58 16.79 -8.86
N GLY A 421 19.40 16.22 -10.05
CA GLY A 421 19.98 16.73 -11.28
C GLY A 421 19.22 17.95 -11.65
N ILE A 422 17.91 17.86 -11.53
CA ILE A 422 17.03 19.01 -11.79
C ILE A 422 17.38 20.20 -10.87
N ALA A 423 17.53 19.92 -9.56
CA ALA A 423 17.76 20.98 -8.57
C ALA A 423 19.11 21.64 -8.82
N ARG A 424 20.14 20.83 -9.07
CA ARG A 424 21.46 21.46 -9.44
C ARG A 424 21.37 22.29 -10.68
N ALA A 425 20.64 21.83 -11.70
CA ALA A 425 20.40 22.68 -12.90
C ALA A 425 19.66 23.98 -12.59
N GLU A 426 18.63 23.89 -11.77
CA GLU A 426 17.92 25.09 -11.43
C GLU A 426 18.81 25.98 -10.62
N LEU A 427 19.50 25.47 -9.57
CA LEU A 427 20.29 26.43 -8.77
C LEU A 427 21.30 27.22 -9.67
N PHE A 428 22.00 26.52 -10.55
CA PHE A 428 22.99 27.17 -11.37
C PHE A 428 22.38 28.11 -12.39
N LEU A 429 21.33 27.65 -13.06
CA LEU A 429 20.78 28.52 -14.12
C LEU A 429 20.07 29.69 -13.51
N PHE A 430 19.30 29.50 -12.43
CA PHE A 430 18.62 30.67 -11.87
C PHE A 430 19.61 31.58 -11.15
N PHE A 431 20.53 31.02 -10.35
CA PHE A 431 21.51 31.90 -9.70
C PHE A 431 22.26 32.79 -10.73
N THR A 432 22.80 32.17 -11.77
CA THR A 432 23.72 32.91 -12.68
C THR A 432 22.94 33.84 -13.58
N THR A 433 21.74 33.37 -14.01
CA THR A 433 20.91 34.26 -14.85
C THR A 433 20.45 35.54 -14.11
N ILE A 434 20.14 35.42 -12.83
CA ILE A 434 19.76 36.58 -12.07
C ILE A 434 21.00 37.46 -11.92
N LEU A 435 22.12 36.88 -11.51
CA LEU A 435 23.33 37.71 -11.29
C LEU A 435 23.85 38.33 -12.56
N GLN A 436 23.65 37.68 -13.69
CA GLN A 436 24.08 38.27 -14.95
C GLN A 436 23.30 39.55 -15.20
N ASN A 437 22.04 39.61 -14.75
CA ASN A 437 21.22 40.79 -15.08
C ASN A 437 21.03 41.79 -13.96
N PHE A 438 21.29 41.38 -12.71
CA PHE A 438 21.01 42.27 -11.62
C PHE A 438 22.12 42.20 -10.51
N SER A 439 22.34 43.32 -9.79
CA SER A 439 23.03 43.25 -8.51
C SER A 439 22.00 43.37 -7.40
N MET A 440 22.39 43.15 -6.16
CA MET A 440 21.35 43.16 -5.12
C MET A 440 21.59 44.29 -4.15
N ALA A 441 20.53 44.80 -3.52
CA ALA A 441 20.70 45.73 -2.42
C ALA A 441 19.56 45.48 -1.48
N SER A 442 19.71 45.96 -0.26
CA SER A 442 18.63 45.92 0.70
C SER A 442 18.87 47.06 1.71
N PRO A 443 17.86 47.41 2.51
CA PRO A 443 18.08 48.46 3.50
C PRO A 443 18.92 48.03 4.72
N VAL A 444 19.33 46.75 4.85
CA VAL A 444 20.11 46.29 6.00
C VAL A 444 21.60 46.14 5.59
N ALA A 445 22.49 46.82 6.33
CA ALA A 445 23.92 46.73 6.04
C ALA A 445 24.36 45.26 6.19
N PRO A 446 25.34 44.80 5.36
CA PRO A 446 25.81 43.42 5.46
C PRO A 446 26.18 42.96 6.88
N GLU A 447 26.86 43.80 7.67
CA GLU A 447 27.22 43.46 9.05
C GLU A 447 26.01 43.25 9.93
N ASP A 448 24.88 43.88 9.61
CA ASP A 448 23.65 43.69 10.44
C ASP A 448 22.77 42.52 10.01
N ILE A 449 23.13 41.87 8.89
CA ILE A 449 22.29 40.81 8.38
C ILE A 449 22.38 39.55 9.28
N ASP A 450 21.23 39.09 9.78
CA ASP A 450 21.20 37.92 10.64
C ASP A 450 20.78 36.70 9.85
N LEU A 451 21.61 35.68 9.85
CA LEU A 451 21.43 34.48 9.11
C LEU A 451 20.72 33.37 9.90
N THR A 452 20.49 33.61 11.18
CA THR A 452 19.85 32.63 12.05
C THR A 452 18.51 32.22 11.42
N PRO A 453 18.28 30.93 11.22
CA PRO A 453 17.02 30.49 10.61
C PRO A 453 15.75 30.91 11.38
N GLN A 454 14.69 31.17 10.65
CA GLN A 454 13.39 31.41 11.26
C GLN A 454 12.89 30.06 11.84
N GLU A 455 13.19 28.93 11.19
CA GLU A 455 12.75 27.65 11.73
C GLU A 455 13.90 26.77 11.51
N CYS A 456 14.05 25.82 12.44
CA CYS A 456 15.01 24.74 12.27
C CYS A 456 14.49 23.42 12.85
N GLY A 457 13.93 22.58 12.00
CA GLY A 457 13.39 21.30 12.44
C GLY A 457 13.64 20.42 11.29
N VAL A 458 12.59 19.83 10.72
CA VAL A 458 12.74 18.98 9.52
C VAL A 458 13.48 19.74 8.42
N GLY A 459 13.00 20.96 8.21
CA GLY A 459 13.58 21.87 7.28
C GLY A 459 14.21 23.01 8.04
N LYS A 460 15.20 23.63 7.40
CA LYS A 460 15.87 24.82 7.91
C LYS A 460 15.46 25.94 6.98
N ILE A 461 14.83 26.96 7.56
CA ILE A 461 14.13 27.96 6.79
C ILE A 461 14.72 29.26 7.21
N PRO A 462 15.21 30.01 6.21
CA PRO A 462 15.81 31.32 6.50
C PRO A 462 14.76 32.38 6.95
N PRO A 463 15.22 33.47 7.59
CA PRO A 463 14.27 34.49 7.97
C PRO A 463 13.79 35.21 6.70
N THR A 464 12.64 35.88 6.83
CA THR A 464 12.14 36.75 5.76
C THR A 464 13.05 37.94 5.66
N TYR A 465 13.13 38.51 4.47
CA TYR A 465 13.94 39.70 4.21
C TYR A 465 13.43 40.37 2.95
N GLN A 466 13.76 41.66 2.83
CA GLN A 466 13.50 42.50 1.67
C GLN A 466 14.77 42.62 0.83
N ILE A 467 14.64 42.58 -0.49
CA ILE A 467 15.78 42.74 -1.37
C ILE A 467 15.33 43.58 -2.59
N ARG A 468 16.26 44.26 -3.22
CA ARG A 468 16.00 44.90 -4.53
C ARG A 468 16.92 44.27 -5.53
N PHE A 469 16.43 44.11 -6.74
CA PHE A 469 17.25 43.69 -7.80
C PHE A 469 17.52 44.87 -8.73
N LEU A 470 18.78 45.26 -8.84
CA LEU A 470 19.16 46.48 -9.59
C LEU A 470 19.69 46.11 -10.93
N PRO A 471 19.07 46.60 -12.03
CA PRO A 471 19.48 46.22 -13.42
C PRO A 471 20.91 46.66 -13.68
N ARG A 472 21.68 45.88 -14.42
CA ARG A 472 23.07 46.23 -14.71
C ARG A 472 23.20 46.90 -16.07
N GLY B 9 -26.19 -50.11 -12.54
CA GLY B 9 -25.22 -51.15 -12.29
C GLY B 9 -23.80 -50.70 -12.60
N LYS B 10 -23.65 -49.44 -12.97
CA LYS B 10 -22.36 -48.90 -13.29
C LYS B 10 -22.40 -47.40 -13.07
N LEU B 11 -21.40 -46.70 -13.60
CA LEU B 11 -21.27 -45.26 -13.35
C LEU B 11 -22.36 -44.47 -14.06
N PRO B 12 -22.82 -43.38 -13.44
CA PRO B 12 -23.86 -42.58 -14.05
C PRO B 12 -23.56 -42.26 -15.49
N PRO B 13 -24.61 -41.89 -16.28
CA PRO B 13 -24.41 -41.67 -17.70
C PRO B 13 -23.63 -40.40 -18.00
N GLY B 14 -23.03 -40.28 -19.18
CA GLY B 14 -22.46 -39.01 -19.53
C GLY B 14 -22.05 -39.05 -20.97
N PRO B 15 -21.49 -37.96 -21.47
CA PRO B 15 -20.95 -37.93 -22.84
C PRO B 15 -19.88 -39.05 -23.04
N ARG B 16 -19.92 -39.73 -24.19
CA ARG B 16 -18.99 -40.81 -24.54
C ARG B 16 -17.60 -40.22 -24.78
N PRO B 17 -16.62 -40.65 -23.96
CA PRO B 17 -15.22 -40.15 -23.92
C PRO B 17 -14.27 -40.70 -25.02
N LEU B 18 -13.18 -40.01 -25.29
CA LEU B 18 -12.03 -40.51 -26.02
C LEU B 18 -10.88 -40.90 -25.10
N PRO B 19 -9.99 -41.71 -25.64
CA PRO B 19 -8.85 -42.29 -24.91
C PRO B 19 -8.08 -41.30 -24.05
N LEU B 20 -7.38 -40.34 -24.64
CA LEU B 20 -6.45 -39.57 -23.84
C LEU B 20 -7.17 -38.36 -23.37
N LEU B 21 -8.09 -37.92 -24.21
CA LEU B 21 -8.66 -36.63 -24.04
C LEU B 21 -9.92 -36.60 -23.19
N GLY B 22 -10.34 -37.72 -22.67
CA GLY B 22 -11.60 -37.78 -22.00
C GLY B 22 -12.71 -37.14 -22.81
N ASN B 23 -13.40 -36.18 -22.22
CA ASN B 23 -14.51 -35.49 -22.84
C ASN B 23 -14.16 -34.11 -23.29
N LEU B 24 -12.89 -33.86 -23.50
CA LEU B 24 -12.43 -32.54 -23.91
C LEU B 24 -13.28 -31.99 -25.04
N LEU B 25 -13.44 -32.80 -26.08
CA LEU B 25 -14.08 -32.31 -27.31
C LEU B 25 -15.57 -31.98 -27.14
N GLN B 26 -16.16 -32.41 -26.02
CA GLN B 26 -17.56 -32.12 -25.73
C GLN B 26 -17.70 -30.95 -24.77
N MET B 27 -16.57 -30.43 -24.27
CA MET B 27 -16.57 -29.34 -23.31
C MET B 27 -16.88 -28.02 -23.98
N ASP B 28 -17.28 -27.05 -23.16
CA ASP B 28 -17.62 -25.72 -23.59
C ASP B 28 -16.40 -24.83 -23.36
N ARG B 29 -16.10 -24.02 -24.35
CA ARG B 29 -14.88 -23.24 -24.33
C ARG B 29 -14.85 -22.21 -23.20
N ARG B 30 -16.02 -21.85 -22.65
CA ARG B 30 -16.00 -20.90 -21.54
C ARG B 30 -15.95 -21.48 -20.12
N GLY B 31 -15.47 -22.72 -19.97
CA GLY B 31 -15.16 -23.25 -18.64
C GLY B 31 -15.83 -24.54 -18.19
N LEU B 32 -15.35 -25.03 -17.06
CA LEU B 32 -15.88 -26.24 -16.52
C LEU B 32 -17.37 -26.14 -16.13
N LEU B 33 -17.77 -25.04 -15.50
CA LEU B 33 -19.06 -24.99 -14.83
C LEU B 33 -20.04 -25.02 -16.03
N LYS B 34 -19.73 -24.18 -17.01
CA LYS B 34 -20.43 -24.20 -18.30
C LYS B 34 -20.61 -25.60 -18.89
N SER B 35 -19.50 -26.25 -19.24
CA SER B 35 -19.56 -27.62 -19.74
C SER B 35 -20.55 -28.46 -18.97
N PHE B 36 -20.44 -28.38 -17.65
CA PHE B 36 -21.22 -29.29 -16.85
C PHE B 36 -22.74 -28.93 -16.86
N LEU B 37 -23.07 -27.65 -16.95
CA LEU B 37 -24.48 -27.27 -17.03
C LEU B 37 -25.11 -27.78 -18.36
N ARG B 38 -24.32 -27.77 -19.45
CA ARG B 38 -24.76 -28.34 -20.74
C ARG B 38 -24.98 -29.85 -20.61
N PHE B 39 -24.04 -30.58 -20.00
CA PHE B 39 -24.27 -32.00 -19.69
C PHE B 39 -25.47 -32.23 -18.82
N ARG B 40 -25.68 -31.37 -17.84
CA ARG B 40 -26.85 -31.55 -17.02
C ARG B 40 -28.17 -31.49 -17.83
N GLU B 41 -28.27 -30.68 -18.85
CA GLU B 41 -29.50 -30.59 -19.62
C GLU B 41 -29.79 -31.88 -20.30
N LYS B 42 -28.77 -32.49 -20.82
CA LYS B 42 -28.92 -33.75 -21.53
C LYS B 42 -29.03 -34.96 -20.61
N TYR B 43 -28.29 -35.00 -19.49
CA TYR B 43 -28.25 -36.20 -18.65
C TYR B 43 -28.97 -36.12 -17.36
N GLY B 44 -29.38 -34.91 -16.96
CA GLY B 44 -30.03 -34.77 -15.65
C GLY B 44 -29.03 -34.52 -14.55
N ASP B 45 -29.39 -34.85 -13.34
CA ASP B 45 -28.77 -34.31 -12.16
C ASP B 45 -27.56 -35.17 -11.65
N VAL B 46 -27.42 -36.38 -12.17
CA VAL B 46 -26.34 -37.28 -11.80
C VAL B 46 -25.67 -37.77 -13.07
N PHE B 47 -24.43 -37.37 -13.31
CA PHE B 47 -23.76 -37.75 -14.53
C PHE B 47 -22.22 -37.87 -14.40
N THR B 48 -21.56 -38.44 -15.42
CA THR B 48 -20.12 -38.68 -15.37
C THR B 48 -19.48 -37.90 -16.50
N VAL B 49 -18.41 -37.20 -16.20
CA VAL B 49 -17.60 -36.53 -17.20
C VAL B 49 -16.13 -37.07 -17.08
N HIS B 50 -15.49 -37.39 -18.20
CA HIS B 50 -14.08 -37.83 -18.01
C HIS B 50 -13.28 -36.57 -18.16
N LEU B 51 -12.60 -36.23 -17.07
CA LEU B 51 -11.72 -35.04 -17.06
C LEU B 51 -10.34 -35.58 -17.36
N GLY B 52 -9.88 -35.34 -18.59
CA GLY B 52 -8.65 -35.93 -19.08
C GLY B 52 -8.70 -37.42 -18.82
N PRO B 53 -7.77 -37.94 -18.01
CA PRO B 53 -7.69 -39.40 -17.79
C PRO B 53 -8.63 -40.06 -16.79
N ARG B 54 -9.56 -39.35 -16.16
CA ARG B 54 -10.42 -40.06 -15.17
C ARG B 54 -11.90 -39.56 -15.04
N PRO B 55 -12.79 -40.48 -14.62
CA PRO B 55 -14.19 -40.13 -14.53
C PRO B 55 -14.47 -39.34 -13.24
N VAL B 56 -15.23 -38.26 -13.37
CA VAL B 56 -15.65 -37.52 -12.20
C VAL B 56 -17.17 -37.49 -12.23
N VAL B 57 -17.80 -37.80 -11.09
CA VAL B 57 -19.24 -37.78 -11.02
C VAL B 57 -19.72 -36.42 -10.55
N MET B 58 -20.59 -35.80 -11.36
CA MET B 58 -21.23 -34.54 -10.99
C MET B 58 -22.57 -34.78 -10.33
N LEU B 59 -22.78 -34.16 -9.14
CA LEU B 59 -24.12 -34.07 -8.53
C LEU B 59 -24.65 -32.63 -8.52
N CYS B 60 -25.83 -32.47 -9.13
CA CYS B 60 -26.49 -31.18 -9.28
C CYS B 60 -27.79 -31.14 -8.52
N GLY B 61 -28.12 -29.95 -8.03
CA GLY B 61 -29.43 -29.73 -7.36
C GLY B 61 -29.30 -30.07 -5.91
N VAL B 62 -30.13 -29.45 -5.07
CA VAL B 62 -29.95 -29.63 -3.64
C VAL B 62 -30.28 -31.06 -3.12
N GLU B 63 -31.30 -31.67 -3.71
CA GLU B 63 -31.76 -32.97 -3.30
C GLU B 63 -30.64 -34.03 -3.50
N ALA B 64 -29.99 -34.05 -4.66
CA ALA B 64 -28.96 -35.02 -4.94
C ALA B 64 -27.75 -34.70 -4.09
N ILE B 65 -27.44 -33.40 -3.93
CA ILE B 65 -26.21 -33.04 -3.24
C ILE B 65 -26.31 -33.46 -1.74
N ARG B 66 -27.50 -33.18 -1.20
CA ARG B 66 -27.85 -33.58 0.15
C ARG B 66 -27.84 -35.09 0.28
N GLU B 67 -28.65 -35.78 -0.52
CA GLU B 67 -28.61 -37.25 -0.46
C GLU B 67 -27.16 -37.74 -0.32
N ALA B 68 -26.25 -37.21 -1.15
CA ALA B 68 -24.84 -37.60 -1.12
C ALA B 68 -24.13 -37.22 0.20
N LEU B 69 -24.15 -35.93 0.59
CA LEU B 69 -23.26 -35.44 1.67
C LEU B 69 -23.79 -35.73 3.05
N VAL B 70 -25.12 -35.82 3.17
CA VAL B 70 -25.75 -36.04 4.48
C VAL B 70 -26.27 -37.50 4.61
N ASP B 71 -27.14 -37.94 3.72
CA ASP B 71 -27.66 -39.28 3.91
C ASP B 71 -26.60 -40.32 3.60
N LYS B 72 -25.68 -40.02 2.71
CA LYS B 72 -24.60 -40.98 2.42
C LYS B 72 -23.17 -40.50 2.82
N ALA B 73 -23.09 -39.78 3.95
CA ALA B 73 -21.84 -39.24 4.51
C ALA B 73 -20.73 -40.30 4.72
N GLU B 74 -21.13 -41.52 5.06
CA GLU B 74 -20.16 -42.60 5.25
C GLU B 74 -19.35 -42.82 3.98
N ALA B 75 -19.86 -42.31 2.87
CA ALA B 75 -19.22 -42.66 1.63
C ALA B 75 -18.73 -41.45 0.83
N PHE B 76 -19.39 -40.30 1.00
CA PHE B 76 -19.13 -39.10 0.14
C PHE B 76 -18.28 -38.02 0.80
N SER B 77 -17.78 -38.32 2.01
CA SER B 77 -17.02 -37.40 2.82
C SER B 77 -15.49 -37.30 2.61
N GLY B 78 -14.94 -38.01 1.64
CA GLY B 78 -13.51 -37.84 1.33
C GLY B 78 -13.23 -36.60 0.51
N ARG B 79 -11.98 -36.12 0.60
CA ARG B 79 -11.57 -34.95 -0.12
C ARG B 79 -10.79 -35.33 -1.37
N GLY B 80 -11.20 -34.81 -2.55
CA GLY B 80 -10.41 -34.98 -3.78
C GLY B 80 -9.34 -33.90 -3.92
N LYS B 81 -8.63 -33.78 -5.04
CA LYS B 81 -7.53 -32.83 -5.15
C LYS B 81 -7.91 -31.67 -6.01
N ILE B 82 -7.32 -30.52 -5.80
CA ILE B 82 -7.43 -29.48 -6.78
C ILE B 82 -6.07 -29.48 -7.49
N ALA B 83 -6.06 -29.85 -8.77
CA ALA B 83 -4.80 -30.13 -9.43
C ALA B 83 -3.79 -28.98 -9.32
N MET B 84 -4.23 -27.71 -9.36
CA MET B 84 -3.32 -26.57 -9.31
C MET B 84 -2.61 -26.38 -7.96
N VAL B 85 -3.16 -26.96 -6.88
CA VAL B 85 -2.49 -26.78 -5.59
C VAL B 85 -2.06 -28.08 -4.91
N ASP B 86 -2.51 -29.23 -5.42
CA ASP B 86 -2.05 -30.51 -4.86
C ASP B 86 -0.50 -30.56 -4.72
N PRO B 87 0.27 -30.08 -5.75
CA PRO B 87 1.77 -30.20 -5.71
C PRO B 87 2.34 -29.49 -4.49
N PHE B 88 1.60 -28.49 -3.98
CA PHE B 88 1.97 -27.85 -2.77
C PHE B 88 1.39 -28.58 -1.53
N PHE B 89 0.07 -28.80 -1.46
CA PHE B 89 -0.48 -29.21 -0.20
C PHE B 89 -0.27 -30.70 0.05
N ARG B 90 -0.31 -31.52 -1.00
CA ARG B 90 0.03 -32.93 -0.91
C ARG B 90 -0.70 -33.58 0.22
N GLY B 91 -1.95 -33.15 0.45
CA GLY B 91 -2.84 -33.85 1.39
C GLY B 91 -2.54 -33.55 2.85
N TYR B 92 -1.78 -32.50 3.11
CA TYR B 92 -1.54 -31.96 4.46
C TYR B 92 -2.49 -30.79 4.76
N GLY B 93 -2.86 -30.63 6.01
CA GLY B 93 -3.71 -29.55 6.42
C GLY B 93 -5.17 -29.87 6.23
N VAL B 94 -6.00 -29.15 6.95
CA VAL B 94 -7.35 -29.61 7.14
C VAL B 94 -8.16 -29.70 5.81
N ILE B 95 -7.96 -28.74 4.91
CA ILE B 95 -8.75 -28.73 3.70
C ILE B 95 -8.46 -29.97 2.87
N PHE B 96 -7.16 -30.29 2.70
CA PHE B 96 -6.77 -31.34 1.79
C PHE B 96 -6.53 -32.69 2.37
N ALA B 97 -6.69 -32.83 3.68
CA ALA B 97 -6.41 -34.10 4.36
C ALA B 97 -7.53 -35.06 4.23
N ASN B 98 -7.20 -36.36 4.36
CA ASN B 98 -8.16 -37.44 4.41
C ASN B 98 -8.02 -38.31 5.67
N GLY B 99 -8.99 -39.18 5.86
CA GLY B 99 -8.93 -40.26 6.84
C GLY B 99 -8.54 -39.67 8.19
N ASN B 100 -7.63 -40.34 8.88
CA ASN B 100 -7.40 -40.00 10.28
C ASN B 100 -6.74 -38.65 10.46
N ARG B 101 -5.82 -38.28 9.57
CA ARG B 101 -5.25 -36.93 9.62
C ARG B 101 -6.35 -35.87 9.59
N TRP B 102 -7.33 -36.03 8.68
CA TRP B 102 -8.43 -35.01 8.63
C TRP B 102 -9.16 -34.96 9.96
N LYS B 103 -9.47 -36.15 10.48
CA LYS B 103 -10.17 -36.31 11.75
C LYS B 103 -9.48 -35.56 12.86
N VAL B 104 -8.15 -35.72 12.97
CA VAL B 104 -7.33 -34.99 13.97
C VAL B 104 -7.36 -33.49 13.74
N LEU B 105 -7.07 -33.08 12.50
CA LEU B 105 -6.85 -31.66 12.20
C LEU B 105 -8.15 -30.85 12.17
N ARG B 106 -9.24 -31.53 11.86
CA ARG B 106 -10.55 -30.88 11.84
C ARG B 106 -10.92 -30.60 13.29
N ARG B 107 -10.90 -31.65 14.13
CA ARG B 107 -11.12 -31.51 15.58
C ARG B 107 -10.26 -30.39 16.13
N PHE B 108 -8.96 -30.41 15.86
CA PHE B 108 -8.06 -29.39 16.44
C PHE B 108 -8.42 -28.01 15.91
N SER B 109 -8.56 -27.86 14.58
CA SER B 109 -8.91 -26.57 13.98
C SER B 109 -10.25 -26.06 14.52
N VAL B 110 -11.26 -26.91 14.57
CA VAL B 110 -12.56 -26.43 15.06
C VAL B 110 -12.49 -25.97 16.52
N THR B 111 -11.96 -26.83 17.40
CA THR B 111 -12.04 -26.62 18.85
C THR B 111 -10.94 -25.70 19.35
N THR B 112 -10.31 -24.97 18.44
CA THR B 112 -9.12 -24.20 18.77
C THR B 112 -9.36 -22.75 18.34
N MET B 113 -9.93 -22.58 17.14
CA MET B 113 -10.51 -21.30 16.73
C MET B 113 -11.51 -20.77 17.76
N ARG B 114 -12.38 -21.67 18.24
CA ARG B 114 -13.37 -21.42 19.32
C ARG B 114 -12.79 -21.34 20.79
N ASP B 115 -11.73 -22.09 21.12
CA ASP B 115 -10.99 -21.91 22.41
C ASP B 115 -10.15 -20.63 22.40
N PHE B 116 -9.97 -20.05 23.58
CA PHE B 116 -9.34 -18.71 23.70
C PHE B 116 -8.45 -18.47 24.93
N LYS B 120 -8.90 -13.12 26.65
CA LYS B 120 -8.93 -13.19 25.17
C LYS B 120 -10.33 -12.87 24.63
N ARG B 121 -10.38 -12.10 23.54
CA ARG B 121 -11.66 -11.56 22.99
C ARG B 121 -12.60 -12.60 22.31
N SER B 122 -13.91 -12.32 22.26
CA SER B 122 -14.71 -13.19 21.45
C SER B 122 -14.32 -12.83 20.01
N VAL B 123 -14.57 -13.78 19.15
CA VAL B 123 -14.67 -13.60 17.75
C VAL B 123 -15.47 -12.30 17.39
N GLU B 124 -16.73 -12.19 17.83
CA GLU B 124 -17.51 -10.97 17.59
C GLU B 124 -16.73 -9.70 17.91
N GLU B 125 -16.13 -9.67 19.09
CA GLU B 125 -15.33 -8.50 19.52
C GLU B 125 -14.19 -8.16 18.57
N ARG B 126 -13.52 -9.17 18.07
CA ARG B 126 -12.37 -8.93 17.18
C ARG B 126 -12.89 -8.33 15.84
N ILE B 127 -14.03 -8.82 15.37
CA ILE B 127 -14.62 -8.31 14.11
C ILE B 127 -15.08 -6.89 14.31
N GLN B 128 -15.73 -6.66 15.47
CA GLN B 128 -16.16 -5.30 15.82
C GLN B 128 -14.98 -4.36 15.88
N GLU B 129 -13.86 -4.76 16.50
CA GLU B 129 -12.70 -3.84 16.49
C GLU B 129 -12.16 -3.65 15.14
N GLU B 130 -12.09 -4.73 14.36
CA GLU B 130 -11.50 -4.58 13.04
C GLU B 130 -12.38 -3.65 12.20
N ALA B 131 -13.71 -3.71 12.41
CA ALA B 131 -14.67 -2.91 11.67
C ALA B 131 -14.40 -1.46 11.94
N GLN B 132 -14.08 -1.14 13.20
CA GLN B 132 -13.72 0.29 13.56
C GLN B 132 -12.40 0.67 12.94
N CYS B 133 -11.46 -0.28 12.86
CA CYS B 133 -10.21 0.11 12.19
C CYS B 133 -10.53 0.42 10.74
N LEU B 134 -11.39 -0.41 10.14
CA LEU B 134 -11.72 -0.17 8.72
C LEU B 134 -12.38 1.20 8.50
N ILE B 135 -13.35 1.55 9.33
CA ILE B 135 -14.07 2.81 9.19
C ILE B 135 -13.15 4.04 9.27
N GLU B 136 -12.18 3.98 10.21
CA GLU B 136 -11.18 5.05 10.31
C GLU B 136 -10.31 5.14 9.05
N GLU B 137 -9.86 4.00 8.57
CA GLU B 137 -9.11 3.97 7.32
C GLU B 137 -9.90 4.58 6.16
N LEU B 138 -11.20 4.23 6.04
CA LEU B 138 -12.07 4.77 5.01
C LEU B 138 -12.36 6.24 5.26
N ARG B 139 -12.51 6.64 6.53
CA ARG B 139 -12.54 8.11 6.80
C ARG B 139 -11.30 8.81 6.25
N LYS B 140 -10.10 8.30 6.60
CA LYS B 140 -8.83 8.91 6.10
C LYS B 140 -8.76 9.03 4.59
N SER B 141 -9.53 8.23 3.86
CA SER B 141 -9.34 8.17 2.43
C SER B 141 -10.10 9.33 1.85
N LYS B 142 -10.98 9.95 2.63
CA LYS B 142 -11.69 11.20 2.20
C LYS B 142 -12.40 11.12 0.83
N GLY B 143 -13.13 10.04 0.59
CA GLY B 143 -13.93 9.89 -0.60
C GLY B 143 -13.11 9.69 -1.86
N ALA B 144 -11.85 9.31 -1.73
CA ALA B 144 -11.06 9.05 -2.96
C ALA B 144 -11.47 7.69 -3.59
N LEU B 145 -11.32 7.54 -4.90
CA LEU B 145 -11.50 6.27 -5.56
C LEU B 145 -10.42 5.26 -5.14
N MET B 146 -10.82 4.00 -5.00
CA MET B 146 -9.90 2.90 -4.74
C MET B 146 -10.51 1.64 -5.33
N ASP B 147 -9.67 0.64 -5.61
CA ASP B 147 -10.18 -0.68 -5.76
C ASP B 147 -10.07 -1.18 -4.34
N PRO B 148 -11.19 -1.62 -3.72
CA PRO B 148 -11.23 -1.97 -2.29
C PRO B 148 -10.72 -3.40 -1.99
N THR B 149 -10.25 -4.12 -2.98
CA THR B 149 -9.81 -5.50 -2.75
C THR B 149 -8.85 -5.61 -1.59
N PHE B 150 -7.82 -4.75 -1.58
CA PHE B 150 -6.83 -4.79 -0.46
C PHE B 150 -7.43 -4.69 0.93
N LEU B 151 -8.30 -3.73 1.13
CA LEU B 151 -8.94 -3.55 2.42
C LEU B 151 -9.84 -4.73 2.78
N PHE B 152 -10.52 -5.29 1.77
CA PHE B 152 -11.43 -6.43 2.06
C PHE B 152 -10.61 -7.66 2.46
N GLN B 153 -9.49 -7.85 1.74
CA GLN B 153 -8.57 -8.88 2.17
C GLN B 153 -7.95 -8.60 3.53
N SER B 154 -7.69 -7.33 3.87
CA SER B 154 -6.97 -7.01 5.11
C SER B 154 -7.81 -7.34 6.31
N ILE B 155 -9.09 -6.94 6.24
CA ILE B 155 -9.97 -7.05 7.40
C ILE B 155 -10.31 -8.50 7.65
N THR B 156 -10.47 -9.30 6.59
CA THR B 156 -10.75 -10.72 6.77
C THR B 156 -9.46 -11.49 7.22
N ALA B 157 -8.33 -11.12 6.63
CA ALA B 157 -7.05 -11.70 7.05
C ALA B 157 -6.74 -11.44 8.55
N ASN B 158 -7.05 -10.22 8.99
CA ASN B 158 -6.77 -9.83 10.37
C ASN B 158 -7.61 -10.56 11.37
N ILE B 159 -8.80 -11.02 10.97
CA ILE B 159 -9.54 -11.85 11.87
C ILE B 159 -8.85 -13.21 12.07
N ILE B 160 -8.46 -13.87 10.97
CA ILE B 160 -7.74 -15.18 11.13
C ILE B 160 -6.38 -14.93 11.79
N CYS B 161 -5.74 -13.83 11.43
CA CYS B 161 -4.45 -13.53 12.05
C CYS B 161 -4.54 -13.47 13.57
N SER B 162 -5.65 -12.93 14.10
CA SER B 162 -5.64 -12.67 15.50
C SER B 162 -5.84 -14.03 16.19
N ILE B 163 -6.56 -14.95 15.57
CA ILE B 163 -6.70 -16.25 16.15
C ILE B 163 -5.40 -17.11 16.00
N VAL B 164 -4.67 -16.91 14.90
CA VAL B 164 -3.59 -17.81 14.56
C VAL B 164 -2.28 -17.27 15.06
N PHE B 165 -1.98 -16.02 14.76
CA PHE B 165 -0.72 -15.41 15.13
C PHE B 165 -0.80 -14.54 16.36
N GLY B 166 -1.98 -14.40 16.94
CA GLY B 166 -2.17 -13.54 18.11
C GLY B 166 -1.92 -12.05 17.86
N LYS B 167 -2.16 -11.60 16.64
CA LYS B 167 -1.89 -10.21 16.27
C LYS B 167 -2.67 -9.85 15.01
N ARG B 168 -2.80 -8.55 14.76
CA ARG B 168 -3.32 -8.05 13.50
C ARG B 168 -2.20 -7.24 12.87
N PHE B 169 -2.27 -7.04 11.55
CA PHE B 169 -1.29 -6.26 10.79
C PHE B 169 -1.94 -4.98 10.38
N HIS B 170 -1.12 -3.94 10.12
CA HIS B 170 -1.63 -2.62 9.78
C HIS B 170 -1.88 -2.56 8.30
N TYR B 171 -2.88 -1.78 7.93
CA TYR B 171 -3.28 -1.63 6.54
C TYR B 171 -2.12 -1.04 5.70
N GLN B 172 -1.23 -0.36 6.39
CA GLN B 172 -0.15 0.36 5.72
C GLN B 172 1.10 -0.50 5.54
N ASP B 173 1.13 -1.62 6.26
CA ASP B 173 2.26 -2.50 6.23
C ASP B 173 2.42 -3.19 4.83
N GLN B 174 3.40 -2.69 4.04
CA GLN B 174 3.73 -3.25 2.69
C GLN B 174 4.11 -4.73 2.70
N GLU B 175 4.64 -5.22 3.79
CA GLU B 175 4.87 -6.63 3.81
C GLU B 175 3.60 -7.43 4.05
N PHE B 176 2.67 -6.91 4.84
CA PHE B 176 1.32 -7.49 4.90
C PHE B 176 0.69 -7.41 3.51
N LEU B 177 0.74 -6.25 2.83
CA LEU B 177 0.11 -6.14 1.51
C LEU B 177 0.71 -7.10 0.47
N LYS B 178 2.01 -7.36 0.62
CA LYS B 178 2.68 -8.25 -0.28
C LYS B 178 2.12 -9.70 -0.10
N MET B 179 1.88 -10.15 1.12
CA MET B 179 1.25 -11.47 1.30
C MET B 179 -0.20 -11.50 0.75
N LEU B 180 -0.95 -10.41 0.94
CA LEU B 180 -2.33 -10.32 0.45
C LEU B 180 -2.36 -10.39 -1.08
N ASN B 181 -1.36 -9.78 -1.71
CA ASN B 181 -1.21 -9.86 -3.15
C ASN B 181 -1.05 -11.27 -3.64
N LEU B 182 -0.28 -12.05 -2.90
CA LEU B 182 -0.05 -13.40 -3.29
C LEU B 182 -1.34 -14.25 -3.16
N PHE B 183 -2.18 -13.99 -2.16
CA PHE B 183 -3.44 -14.74 -1.98
C PHE B 183 -4.38 -14.40 -3.10
N TYR B 184 -4.38 -13.13 -3.46
CA TYR B 184 -5.18 -12.64 -4.56
C TYR B 184 -4.79 -13.24 -5.92
N GLN B 185 -3.52 -13.11 -6.31
CA GLN B 185 -3.05 -13.63 -7.59
C GLN B 185 -3.27 -15.14 -7.70
N THR B 186 -2.93 -15.87 -6.65
CA THR B 186 -3.09 -17.28 -6.61
C THR B 186 -4.53 -17.72 -6.83
N PHE B 187 -5.47 -17.09 -6.11
CA PHE B 187 -6.88 -17.46 -6.22
C PHE B 187 -7.30 -17.22 -7.65
N SER B 188 -6.92 -16.08 -8.23
CA SER B 188 -7.17 -15.83 -9.65
C SER B 188 -6.60 -16.88 -10.58
N LEU B 189 -5.32 -17.14 -10.42
CA LEU B 189 -4.62 -18.09 -11.28
C LEU B 189 -5.24 -19.51 -11.24
N ILE B 190 -5.62 -19.93 -10.03
CA ILE B 190 -6.25 -21.22 -9.86
C ILE B 190 -7.55 -21.29 -10.66
N SER B 191 -8.28 -20.16 -10.70
CA SER B 191 -9.64 -20.14 -11.27
C SER B 191 -9.62 -19.88 -12.76
N SER B 192 -8.40 -19.61 -13.27
CA SER B 192 -8.25 -19.17 -14.63
C SER B 192 -8.62 -20.29 -15.60
N VAL B 193 -8.69 -19.94 -16.88
CA VAL B 193 -8.89 -20.98 -17.90
C VAL B 193 -7.74 -22.02 -17.88
N PHE B 194 -6.50 -21.53 -17.82
CA PHE B 194 -5.37 -22.47 -17.72
C PHE B 194 -5.57 -23.35 -16.50
N GLY B 195 -5.98 -22.74 -15.37
CA GLY B 195 -6.21 -23.55 -14.17
C GLY B 195 -7.24 -24.67 -14.38
N GLN B 196 -8.23 -24.41 -15.22
CA GLN B 196 -9.29 -25.39 -15.50
C GLN B 196 -8.75 -26.48 -16.44
N LEU B 197 -7.98 -26.08 -17.43
CA LEU B 197 -7.30 -27.03 -18.29
C LEU B 197 -6.41 -27.92 -17.45
N PHE B 198 -5.70 -27.30 -16.51
CA PHE B 198 -4.80 -28.06 -15.68
C PHE B 198 -5.51 -29.15 -14.88
N GLU B 199 -6.76 -28.87 -14.50
CA GLU B 199 -7.56 -29.89 -13.84
C GLU B 199 -7.80 -31.08 -14.78
N LEU B 200 -7.92 -30.85 -16.08
CA LEU B 200 -8.10 -31.99 -16.97
C LEU B 200 -6.72 -32.72 -17.22
N PHE B 201 -5.66 -31.95 -17.46
CA PHE B 201 -4.44 -32.51 -17.98
C PHE B 201 -3.14 -32.24 -17.22
N SER B 202 -3.21 -32.20 -15.89
CA SER B 202 -2.03 -31.79 -15.12
C SER B 202 -0.88 -32.76 -15.42
N GLY B 203 -1.21 -34.05 -15.49
CA GLY B 203 -0.25 -35.14 -15.86
C GLY B 203 0.69 -34.79 -16.99
N PHE B 204 0.13 -34.32 -18.09
CA PHE B 204 0.86 -33.76 -19.20
C PHE B 204 1.35 -32.33 -18.95
N LEU B 205 0.48 -31.43 -18.48
CA LEU B 205 0.85 -30.01 -18.55
C LEU B 205 1.95 -29.56 -17.58
N LYS B 206 2.13 -30.32 -16.52
CA LYS B 206 3.07 -29.96 -15.46
C LYS B 206 4.53 -29.86 -15.93
N HIS B 207 4.85 -30.54 -17.05
CA HIS B 207 6.22 -30.63 -17.60
C HIS B 207 6.61 -29.35 -18.28
N PHE B 208 5.62 -28.48 -18.44
CA PHE B 208 5.78 -27.29 -19.22
C PHE B 208 5.64 -26.10 -18.30
N PRO B 209 6.14 -24.95 -18.74
CA PRO B 209 5.96 -23.72 -18.00
C PRO B 209 4.48 -23.31 -17.92
N GLY B 210 4.15 -22.44 -16.96
CA GLY B 210 2.74 -22.04 -16.78
C GLY B 210 2.30 -21.72 -15.38
N ALA B 211 1.01 -21.45 -15.24
CA ALA B 211 0.46 -20.82 -14.02
C ALA B 211 0.57 -21.70 -12.81
N HIS B 212 0.57 -23.03 -13.02
CA HIS B 212 0.73 -23.92 -11.89
C HIS B 212 2.10 -23.70 -11.16
N ARG B 213 3.13 -23.29 -11.92
CA ARG B 213 4.46 -22.99 -11.32
C ARG B 213 4.38 -21.68 -10.56
N GLN B 214 3.67 -20.71 -11.13
CA GLN B 214 3.50 -19.46 -10.38
C GLN B 214 2.71 -19.62 -9.07
N VAL B 215 1.71 -20.52 -9.06
CA VAL B 215 0.90 -20.77 -7.84
C VAL B 215 1.76 -21.44 -6.77
N TYR B 216 2.49 -22.47 -7.20
CA TYR B 216 3.42 -23.20 -6.32
C TYR B 216 4.40 -22.25 -5.61
N LYS B 217 4.98 -21.34 -6.39
CA LYS B 217 5.95 -20.39 -5.92
C LYS B 217 5.36 -19.37 -4.89
N ASN B 218 4.22 -18.73 -5.27
CA ASN B 218 3.43 -17.87 -4.38
C ASN B 218 3.14 -18.60 -3.07
N LEU B 219 2.63 -19.82 -3.15
CA LEU B 219 2.37 -20.54 -1.91
C LEU B 219 3.66 -20.78 -1.07
N GLN B 220 4.80 -21.01 -1.73
CA GLN B 220 6.06 -21.20 -0.96
C GLN B 220 6.49 -19.98 -0.22
N GLU B 221 6.29 -18.80 -0.82
CA GLU B 221 6.60 -17.54 -0.17
C GLU B 221 5.73 -17.33 1.05
N ILE B 222 4.42 -17.61 0.95
CA ILE B 222 3.59 -17.45 2.15
C ILE B 222 4.04 -18.47 3.20
N ASN B 223 4.32 -19.70 2.73
CA ASN B 223 4.84 -20.76 3.61
C ASN B 223 6.14 -20.35 4.34
N ALA B 224 7.05 -19.67 3.66
CA ALA B 224 8.26 -19.14 4.33
C ALA B 224 7.91 -18.22 5.53
N TYR B 225 6.98 -17.25 5.37
CA TYR B 225 6.60 -16.42 6.56
C TYR B 225 6.00 -17.25 7.70
N ILE B 226 5.19 -18.26 7.38
CA ILE B 226 4.58 -19.05 8.41
C ILE B 226 5.65 -19.84 9.13
N GLY B 227 6.66 -20.25 8.36
CA GLY B 227 7.80 -21.01 8.91
C GLY B 227 8.60 -20.18 9.90
N HIS B 228 8.90 -18.95 9.51
CA HIS B 228 9.46 -17.96 10.40
C HIS B 228 8.60 -17.80 11.72
N SER B 229 7.27 -17.68 11.56
CA SER B 229 6.46 -17.20 12.66
C SER B 229 6.42 -18.29 13.68
N VAL B 230 6.34 -19.53 13.19
CA VAL B 230 6.34 -20.72 14.02
C VAL B 230 7.62 -20.75 14.89
N GLU B 231 8.73 -20.38 14.27
CA GLU B 231 10.02 -20.43 14.92
C GLU B 231 10.00 -19.47 16.09
N LYS B 232 9.60 -18.24 15.82
CA LYS B 232 9.51 -17.20 16.86
C LYS B 232 8.58 -17.62 17.98
N HIS B 233 7.52 -18.37 17.66
CA HIS B 233 6.60 -18.86 18.66
C HIS B 233 7.24 -19.93 19.51
N ARG B 234 7.93 -20.86 18.85
CA ARG B 234 8.61 -21.94 19.55
C ARG B 234 9.59 -21.32 20.58
N GLU B 235 10.31 -20.28 20.14
CA GLU B 235 11.27 -19.55 20.97
C GLU B 235 10.72 -18.80 22.18
N THR B 236 9.43 -18.45 22.18
CA THR B 236 8.88 -17.68 23.29
C THR B 236 7.69 -18.35 23.96
N LEU B 237 7.54 -19.63 23.71
CA LEU B 237 6.36 -20.38 24.10
C LEU B 237 6.24 -20.56 25.63
N ASP B 238 5.10 -20.20 26.21
CA ASP B 238 4.89 -20.46 27.62
C ASP B 238 3.88 -21.57 27.78
N PRO B 239 4.33 -22.79 28.08
CA PRO B 239 3.38 -23.90 28.15
C PRO B 239 2.13 -23.67 28.99
N SER B 240 2.17 -22.78 29.97
CA SER B 240 0.99 -22.60 30.84
C SER B 240 0.07 -21.47 30.36
N ALA B 241 0.55 -20.71 29.36
CA ALA B 241 -0.21 -19.62 28.73
C ALA B 241 -0.02 -19.52 27.18
N PRO B 242 -0.64 -20.44 26.42
CA PRO B 242 -0.53 -20.37 24.96
C PRO B 242 -1.24 -19.14 24.41
N ARG B 243 -0.56 -18.36 23.59
CA ARG B 243 -1.11 -17.11 23.11
C ARG B 243 -2.17 -17.32 22.02
N ASP B 244 -2.02 -18.38 21.21
CA ASP B 244 -2.81 -18.47 19.96
C ASP B 244 -2.80 -19.88 19.44
N LEU B 245 -3.32 -20.05 18.23
CA LEU B 245 -3.45 -21.35 17.62
C LEU B 245 -2.08 -22.06 17.36
N ILE B 246 -1.08 -21.33 16.87
CA ILE B 246 0.23 -21.95 16.66
C ILE B 246 0.81 -22.52 18.00
N ASP B 247 0.82 -21.71 19.07
CA ASP B 247 1.23 -22.16 20.42
C ASP B 247 0.52 -23.43 20.83
N THR B 248 -0.79 -23.47 20.62
CA THR B 248 -1.59 -24.65 21.00
C THR B 248 -1.18 -25.90 20.19
N TYR B 249 -0.95 -25.73 18.90
CA TYR B 249 -0.48 -26.80 18.06
C TYR B 249 0.94 -27.23 18.57
N LEU B 250 1.78 -26.26 18.87
CA LEU B 250 3.12 -26.57 19.42
C LEU B 250 3.06 -27.45 20.67
N LEU B 251 2.09 -27.23 21.53
CA LEU B 251 1.93 -28.05 22.73
C LEU B 251 1.45 -29.46 22.45
N HIS B 252 0.55 -29.58 21.46
CA HIS B 252 0.05 -30.92 21.12
C HIS B 252 1.21 -31.72 20.52
N MET B 253 2.07 -30.99 19.84
CA MET B 253 3.26 -31.52 19.21
C MET B 253 4.18 -32.10 20.31
N GLU B 254 4.48 -31.29 21.33
CA GLU B 254 5.28 -31.72 22.46
C GLU B 254 4.64 -32.96 23.12
N LYS B 255 3.34 -32.88 23.39
CA LYS B 255 2.62 -33.95 24.06
C LYS B 255 2.67 -35.30 23.31
N GLU B 256 2.66 -35.29 21.96
CA GLU B 256 2.62 -36.53 21.20
C GLU B 256 4.02 -36.93 20.59
N LYS B 257 5.10 -36.31 21.06
CA LYS B 257 6.42 -36.47 20.42
C LYS B 257 6.98 -37.89 20.45
N SER B 258 6.53 -38.72 21.38
CA SER B 258 7.00 -40.05 21.42
C SER B 258 6.29 -40.95 20.40
N ASN B 259 5.37 -40.41 19.60
CA ASN B 259 4.63 -41.22 18.59
C ASN B 259 5.10 -40.74 17.22
N ALA B 260 5.97 -41.52 16.56
CA ALA B 260 6.48 -41.08 15.25
C ALA B 260 5.33 -40.81 14.23
N HIS B 261 4.16 -41.41 14.46
CA HIS B 261 3.03 -41.29 13.54
C HIS B 261 2.04 -40.17 13.93
N SER B 262 2.45 -39.31 14.85
CA SER B 262 1.63 -38.20 15.26
C SER B 262 1.25 -37.31 14.07
N GLU B 263 -0.03 -36.92 14.05
CA GLU B 263 -0.51 -36.03 12.98
C GLU B 263 -0.01 -34.59 13.19
N PHE B 264 0.39 -34.29 14.43
CA PHE B 264 0.86 -32.95 14.73
C PHE B 264 2.28 -32.77 14.30
N SER B 265 2.53 -32.92 13.00
CA SER B 265 3.85 -32.79 12.43
C SER B 265 4.11 -31.35 12.03
N HIS B 266 5.34 -31.04 11.68
CA HIS B 266 5.68 -29.74 11.12
C HIS B 266 5.01 -29.40 9.76
N GLN B 267 4.88 -30.36 8.88
CA GLN B 267 4.26 -30.12 7.60
C GLN B 267 2.73 -29.81 7.80
N ASN B 268 2.07 -30.57 8.65
CA ASN B 268 0.74 -30.25 9.03
C ASN B 268 0.65 -28.86 9.65
N LEU B 269 1.61 -28.55 10.53
CA LEU B 269 1.67 -27.23 11.11
C LEU B 269 1.65 -26.14 10.06
N ASN B 270 2.63 -26.00 9.17
CA ASN B 270 2.70 -24.99 8.16
C ASN B 270 1.49 -25.01 7.22
N LEU B 271 1.04 -26.18 6.85
CA LEU B 271 0.11 -26.28 5.73
C LEU B 271 -1.35 -26.21 6.20
N ASN B 272 -1.64 -26.73 7.38
CA ASN B 272 -2.88 -26.43 8.05
C ASN B 272 -3.01 -24.94 8.28
N THR B 273 -1.94 -24.33 8.77
CA THR B 273 -1.97 -22.88 9.06
C THR B 273 -2.22 -22.07 7.76
N LEU B 274 -1.50 -22.42 6.71
CA LEU B 274 -1.67 -21.74 5.47
C LEU B 274 -3.13 -21.97 4.92
N SER B 275 -3.68 -23.16 5.12
CA SER B 275 -5.00 -23.52 4.64
C SER B 275 -6.04 -22.59 5.29
N LEU B 276 -5.95 -22.41 6.62
CA LEU B 276 -6.82 -21.52 7.36
C LEU B 276 -6.66 -20.10 6.94
N PHE B 277 -5.46 -19.64 6.68
CA PHE B 277 -5.26 -18.36 6.09
C PHE B 277 -5.82 -18.17 4.72
N PHE B 278 -5.56 -19.10 3.83
CA PHE B 278 -6.02 -18.96 2.48
C PHE B 278 -7.50 -18.82 2.52
N ALA B 279 -8.16 -19.87 3.00
CA ALA B 279 -9.62 -19.93 3.14
C ALA B 279 -10.19 -18.76 3.96
N GLY B 280 -9.54 -18.39 5.05
CA GLY B 280 -10.02 -17.31 5.89
C GLY B 280 -10.05 -15.97 5.20
N THR B 281 -9.15 -15.75 4.22
CA THR B 281 -8.92 -14.42 3.65
C THR B 281 -9.69 -14.27 2.37
N GLU B 282 -9.49 -15.21 1.46
CA GLU B 282 -9.90 -15.02 0.09
C GLU B 282 -11.39 -15.26 -0.16
N THR B 283 -12.05 -16.00 0.73
CA THR B 283 -13.42 -16.36 0.55
C THR B 283 -14.30 -15.16 0.92
N THR B 284 -14.23 -14.75 2.18
CA THR B 284 -15.01 -13.59 2.62
C THR B 284 -14.71 -12.34 1.88
N SER B 285 -13.42 -12.10 1.59
CA SER B 285 -13.08 -10.85 0.92
C SER B 285 -13.61 -10.86 -0.52
N THR B 286 -13.64 -12.02 -1.17
CA THR B 286 -14.15 -12.04 -2.52
C THR B 286 -15.67 -11.76 -2.49
N THR B 287 -16.37 -12.31 -1.50
CA THR B 287 -17.83 -12.09 -1.35
C THR B 287 -18.12 -10.58 -1.10
N LEU B 288 -17.32 -9.93 -0.26
CA LEU B 288 -17.42 -8.50 -0.02
C LEU B 288 -17.22 -7.71 -1.25
N ARG B 289 -16.27 -8.11 -2.07
CA ARG B 289 -16.00 -7.37 -3.27
C ARG B 289 -17.22 -7.45 -4.23
N TYR B 290 -17.77 -8.65 -4.42
CA TYR B 290 -18.99 -8.75 -5.20
C TYR B 290 -20.12 -7.93 -4.55
N GLY B 291 -20.21 -8.03 -3.22
CA GLY B 291 -21.19 -7.30 -2.41
C GLY B 291 -21.24 -5.82 -2.75
N PHE B 292 -20.07 -5.16 -2.75
CA PHE B 292 -20.04 -3.71 -3.02
C PHE B 292 -20.20 -3.35 -4.44
N LEU B 293 -19.81 -4.24 -5.35
CA LEU B 293 -20.11 -3.99 -6.77
C LEU B 293 -21.63 -4.08 -6.99
N LEU B 294 -22.27 -5.01 -6.28
CA LEU B 294 -23.71 -5.13 -6.40
C LEU B 294 -24.42 -3.91 -5.81
N MET B 295 -23.83 -3.29 -4.77
CA MET B 295 -24.40 -2.07 -4.15
C MET B 295 -24.29 -0.89 -5.08
N LEU B 296 -23.24 -0.85 -5.89
CA LEU B 296 -23.09 0.22 -6.89
C LEU B 296 -24.13 0.01 -8.01
N LYS B 297 -24.39 -1.24 -8.38
CA LYS B 297 -25.29 -1.47 -9.49
C LYS B 297 -26.75 -1.33 -9.04
N TYR B 298 -27.02 -1.53 -7.75
CA TYR B 298 -28.38 -1.47 -7.22
C TYR B 298 -28.43 -0.52 -6.02
N PRO B 299 -28.21 0.80 -6.24
CA PRO B 299 -28.13 1.80 -5.16
C PRO B 299 -29.40 1.81 -4.32
N HIS B 300 -30.55 1.41 -4.87
CA HIS B 300 -31.77 1.40 -4.06
C HIS B 300 -31.72 0.36 -3.03
N VAL B 301 -31.06 -0.77 -3.28
CA VAL B 301 -30.93 -1.80 -2.24
C VAL B 301 -30.04 -1.30 -1.05
N ALA B 302 -28.94 -0.63 -1.42
CA ALA B 302 -28.03 -0.05 -0.45
C ALA B 302 -28.75 1.01 0.37
N GLU B 303 -29.60 1.81 -0.27
CA GLU B 303 -30.32 2.85 0.48
C GLU B 303 -31.32 2.27 1.40
N ARG B 304 -31.93 1.18 0.96
CA ARG B 304 -32.83 0.47 1.83
C ARG B 304 -32.14 -0.24 3.02
N VAL B 305 -31.00 -0.87 2.77
CA VAL B 305 -30.19 -1.36 3.90
C VAL B 305 -29.89 -0.21 4.86
N TYR B 306 -29.49 0.94 4.35
CA TYR B 306 -29.14 2.00 5.27
C TYR B 306 -30.35 2.51 6.11
N ARG B 307 -31.54 2.57 5.53
CA ARG B 307 -32.72 2.86 6.29
C ARG B 307 -32.98 1.86 7.40
N GLU B 308 -32.73 0.58 7.19
CA GLU B 308 -32.92 -0.36 8.31
C GLU B 308 -31.85 -0.19 9.43
N ILE B 309 -30.63 0.06 9.01
CA ILE B 309 -29.58 0.32 9.94
C ILE B 309 -29.99 1.50 10.82
N GLU B 310 -30.36 2.60 10.18
CA GLU B 310 -30.74 3.85 10.88
C GLU B 310 -31.80 3.57 11.94
N GLN B 311 -32.83 2.86 11.50
CA GLN B 311 -34.00 2.60 12.30
C GLN B 311 -33.74 1.57 13.42
N VAL B 312 -32.91 0.56 13.16
CA VAL B 312 -32.71 -0.51 14.13
C VAL B 312 -31.50 -0.22 15.02
N ILE B 313 -30.43 0.33 14.45
CA ILE B 313 -29.16 0.47 15.19
C ILE B 313 -28.92 1.94 15.49
N GLY B 314 -29.25 2.79 14.52
CA GLY B 314 -28.93 4.21 14.64
C GLY B 314 -27.60 4.52 13.97
N PRO B 315 -27.27 5.80 13.89
CA PRO B 315 -26.08 6.27 13.16
C PRO B 315 -24.71 5.96 13.78
N HIS B 316 -24.61 5.84 15.10
CA HIS B 316 -23.27 5.72 15.72
C HIS B 316 -22.99 4.42 16.54
N ARG B 317 -23.99 3.85 17.23
CA ARG B 317 -23.72 2.65 18.01
C ARG B 317 -23.19 1.55 17.03
N PRO B 318 -22.01 0.96 17.30
CA PRO B 318 -21.46 -0.13 16.45
C PRO B 318 -22.46 -1.29 16.33
N PRO B 319 -22.71 -1.79 15.10
CA PRO B 319 -23.49 -2.98 14.91
C PRO B 319 -22.96 -4.19 15.73
N GLU B 320 -23.86 -5.10 16.09
CA GLU B 320 -23.51 -6.26 16.87
C GLU B 320 -24.28 -7.46 16.32
N LEU B 321 -23.85 -8.72 16.62
CA LEU B 321 -24.53 -9.87 16.06
C LEU B 321 -26.02 -9.93 16.49
N HIS B 322 -26.29 -9.43 17.74
CA HIS B 322 -27.67 -9.45 18.25
C HIS B 322 -28.59 -8.60 17.36
N ASP B 323 -28.04 -7.70 16.53
CA ASP B 323 -28.87 -6.92 15.61
C ASP B 323 -29.48 -7.72 14.43
N ARG B 324 -28.88 -8.88 14.10
CA ARG B 324 -29.28 -9.62 12.90
C ARG B 324 -30.77 -9.95 12.88
N ALA B 325 -31.25 -10.51 13.99
CA ALA B 325 -32.63 -10.94 14.12
C ALA B 325 -33.59 -9.82 13.79
N LYS B 326 -33.16 -8.58 13.92
CA LYS B 326 -34.09 -7.47 13.82
C LYS B 326 -33.86 -6.76 12.53
N MET B 327 -33.01 -7.33 11.67
CA MET B 327 -32.72 -6.70 10.40
C MET B 327 -32.92 -7.69 9.23
N PRO B 328 -34.19 -8.08 8.98
CA PRO B 328 -34.42 -9.07 7.96
C PRO B 328 -34.01 -8.58 6.57
N TYR B 329 -34.26 -7.31 6.22
CA TYR B 329 -33.85 -6.84 4.91
C TYR B 329 -32.33 -7.00 4.70
N THR B 330 -31.53 -6.59 5.68
CA THR B 330 -30.08 -6.68 5.58
C THR B 330 -29.62 -8.14 5.45
N GLU B 331 -30.23 -9.04 6.22
CA GLU B 331 -29.90 -10.44 6.16
C GLU B 331 -30.19 -11.01 4.79
N ALA B 332 -31.31 -10.61 4.24
CA ALA B 332 -31.73 -11.00 2.90
C ALA B 332 -30.75 -10.54 1.86
N VAL B 333 -30.26 -9.31 2.00
CA VAL B 333 -29.32 -8.74 1.03
C VAL B 333 -27.99 -9.54 1.09
N ILE B 334 -27.54 -9.85 2.30
CA ILE B 334 -26.35 -10.68 2.49
C ILE B 334 -26.51 -12.12 1.97
N TYR B 335 -27.60 -12.82 2.36
CA TYR B 335 -27.90 -14.10 1.71
C TYR B 335 -27.83 -13.99 0.18
N GLU B 336 -28.48 -12.96 -0.38
CA GLU B 336 -28.60 -12.86 -1.81
C GLU B 336 -27.20 -12.56 -2.45
N ILE B 337 -26.37 -11.84 -1.72
CA ILE B 337 -25.01 -11.57 -2.23
C ILE B 337 -24.25 -12.86 -2.33
N GLN B 338 -24.38 -13.68 -1.30
CA GLN B 338 -23.75 -15.00 -1.31
C GLN B 338 -24.30 -15.93 -2.40
N ARG B 339 -25.61 -15.87 -2.61
CA ARG B 339 -26.28 -16.80 -3.55
C ARG B 339 -25.82 -16.41 -4.92
N PHE B 340 -25.96 -15.10 -5.20
CA PHE B 340 -25.59 -14.52 -6.49
C PHE B 340 -24.08 -14.68 -6.78
N SER B 341 -23.25 -14.49 -5.77
CA SER B 341 -21.83 -14.45 -6.06
C SER B 341 -21.19 -15.81 -6.11
N ASP B 342 -21.88 -16.84 -5.59
CA ASP B 342 -21.63 -18.23 -6.00
C ASP B 342 -20.08 -18.48 -5.94
N LEU B 343 -19.49 -18.11 -4.80
CA LEU B 343 -18.03 -18.19 -4.56
C LEU B 343 -17.31 -19.42 -5.14
N LEU B 344 -17.77 -20.61 -4.76
CA LEU B 344 -17.21 -21.87 -5.25
C LEU B 344 -18.30 -22.67 -6.00
N PRO B 345 -18.46 -22.43 -7.31
CA PRO B 345 -19.64 -22.96 -8.03
C PRO B 345 -19.71 -24.50 -8.04
N MET B 346 -18.55 -25.19 -7.97
CA MET B 346 -18.48 -26.63 -7.92
C MET B 346 -17.95 -27.10 -6.59
N GLY B 347 -18.06 -26.26 -5.55
CA GLY B 347 -17.58 -26.62 -4.22
C GLY B 347 -16.08 -26.93 -4.25
N VAL B 348 -15.67 -27.78 -3.33
CA VAL B 348 -14.32 -28.35 -3.35
C VAL B 348 -14.47 -29.86 -3.63
N PRO B 349 -13.62 -30.43 -4.47
CA PRO B 349 -13.79 -31.85 -4.85
C PRO B 349 -13.84 -32.82 -3.68
N HIS B 350 -14.79 -33.77 -3.73
CA HIS B 350 -14.86 -34.88 -2.80
C HIS B 350 -14.34 -36.14 -3.48
N ILE B 351 -14.24 -37.26 -2.77
CA ILE B 351 -13.97 -38.54 -3.42
C ILE B 351 -14.80 -39.52 -2.66
N VAL B 352 -15.22 -40.60 -3.33
CA VAL B 352 -15.91 -41.64 -2.55
C VAL B 352 -14.92 -42.62 -1.82
N THR B 353 -15.15 -42.83 -0.53
CA THR B 353 -14.29 -43.62 0.35
C THR B 353 -14.61 -45.14 0.44
N GLN B 354 -15.69 -45.59 -0.20
CA GLN B 354 -16.07 -47.03 -0.27
C GLN B 354 -17.11 -47.22 -1.39
N HIS B 355 -17.13 -48.41 -2.02
CA HIS B 355 -18.12 -48.76 -3.06
C HIS B 355 -19.52 -48.28 -2.57
N THR B 356 -20.21 -47.50 -3.41
CA THR B 356 -21.49 -46.94 -2.97
C THR B 356 -22.57 -46.91 -4.07
N SER B 357 -23.81 -47.19 -3.64
CA SER B 357 -24.96 -47.15 -4.54
C SER B 357 -25.54 -45.76 -4.43
N PHE B 358 -25.79 -45.14 -5.56
CA PHE B 358 -26.39 -43.84 -5.55
C PHE B 358 -27.39 -43.79 -6.68
N ARG B 359 -28.66 -43.75 -6.32
CA ARG B 359 -29.75 -43.62 -7.32
C ARG B 359 -29.63 -44.68 -8.39
N GLY B 360 -29.32 -45.89 -7.97
CA GLY B 360 -29.32 -47.04 -8.85
C GLY B 360 -28.02 -47.20 -9.59
N TYR B 361 -27.08 -46.30 -9.40
CA TYR B 361 -25.80 -46.42 -10.03
C TYR B 361 -24.82 -46.94 -9.00
N ILE B 362 -23.67 -47.37 -9.45
CA ILE B 362 -22.68 -47.85 -8.52
C ILE B 362 -21.46 -46.94 -8.68
N ILE B 363 -21.05 -46.33 -7.58
CA ILE B 363 -19.86 -45.49 -7.65
C ILE B 363 -18.75 -46.19 -6.82
N PRO B 364 -17.67 -46.60 -7.51
CA PRO B 364 -16.53 -47.30 -6.90
C PRO B 364 -15.70 -46.38 -5.99
N LYS B 365 -15.12 -46.99 -4.97
CA LYS B 365 -14.18 -46.31 -4.09
C LYS B 365 -13.16 -45.52 -4.91
N ASP B 366 -12.87 -44.33 -4.41
CA ASP B 366 -11.92 -43.38 -5.02
C ASP B 366 -12.32 -42.59 -6.29
N THR B 367 -13.52 -42.81 -6.79
CA THR B 367 -14.07 -41.87 -7.79
C THR B 367 -14.21 -40.49 -7.18
N GLU B 368 -13.73 -39.51 -7.89
CA GLU B 368 -13.97 -38.15 -7.57
C GLU B 368 -15.43 -37.72 -7.84
N VAL B 369 -15.94 -36.87 -6.94
CA VAL B 369 -17.31 -36.37 -6.99
C VAL B 369 -17.26 -34.85 -6.83
N PHE B 370 -17.76 -34.10 -7.83
CA PHE B 370 -18.05 -32.65 -7.69
C PHE B 370 -19.52 -32.39 -7.27
N LEU B 371 -19.72 -31.67 -6.17
CA LEU B 371 -21.07 -31.24 -5.78
C LEU B 371 -21.23 -29.84 -6.41
N ILE B 372 -22.07 -29.76 -7.45
CA ILE B 372 -22.21 -28.46 -8.14
C ILE B 372 -23.13 -27.53 -7.33
N LEU B 373 -22.54 -26.82 -6.37
CA LEU B 373 -23.28 -26.01 -5.41
C LEU B 373 -24.06 -24.94 -6.16
N SER B 374 -23.54 -24.52 -7.30
CA SER B 374 -24.08 -23.46 -8.07
C SER B 374 -25.51 -23.78 -8.55
N THR B 375 -25.80 -25.06 -8.74
CA THR B 375 -27.09 -25.49 -9.29
C THR B 375 -28.11 -25.49 -8.18
N ALA B 376 -27.71 -25.69 -6.92
CA ALA B 376 -28.64 -25.41 -5.83
C ALA B 376 -28.94 -23.92 -5.70
N LEU B 377 -27.88 -23.12 -5.71
CA LEU B 377 -28.02 -21.68 -5.55
C LEU B 377 -28.82 -21.01 -6.70
N HIS B 378 -28.89 -21.66 -7.85
CA HIS B 378 -29.59 -21.08 -8.99
C HIS B 378 -30.84 -21.91 -9.32
N ASP B 379 -31.32 -22.68 -8.37
CA ASP B 379 -32.46 -23.50 -8.66
C ASP B 379 -33.74 -22.64 -8.78
N PRO B 380 -34.37 -22.62 -9.97
CA PRO B 380 -35.52 -21.75 -10.17
C PRO B 380 -36.76 -22.19 -9.36
N HIS B 381 -36.80 -23.39 -8.79
CA HIS B 381 -37.94 -23.69 -7.92
C HIS B 381 -37.79 -23.00 -6.62
N TYR B 382 -36.57 -22.64 -6.22
CA TYR B 382 -36.43 -21.89 -4.96
C TYR B 382 -36.28 -20.39 -5.19
N PHE B 383 -35.68 -20.01 -6.30
CA PHE B 383 -35.34 -18.63 -6.61
C PHE B 383 -35.87 -18.23 -7.98
N GLU B 384 -37.02 -17.55 -7.98
CA GLU B 384 -37.64 -17.11 -9.20
C GLU B 384 -36.67 -16.20 -9.92
N LYS B 385 -36.44 -16.41 -11.21
CA LYS B 385 -35.40 -15.62 -11.90
C LYS B 385 -34.00 -15.68 -11.21
N PRO B 386 -33.40 -16.84 -11.15
CA PRO B 386 -32.21 -17.08 -10.32
C PRO B 386 -30.94 -16.40 -10.88
N ASP B 387 -30.96 -15.92 -12.11
CA ASP B 387 -29.85 -15.21 -12.68
C ASP B 387 -29.77 -13.72 -12.33
N ALA B 388 -30.83 -13.18 -11.73
CA ALA B 388 -30.83 -11.79 -11.30
C ALA B 388 -30.51 -11.63 -9.82
N PHE B 389 -29.89 -10.51 -9.46
CA PHE B 389 -29.66 -10.17 -8.08
C PHE B 389 -30.97 -9.62 -7.53
N ASN B 390 -31.50 -10.22 -6.50
CA ASN B 390 -32.75 -9.75 -5.97
C ASN B 390 -32.93 -10.26 -4.58
N PRO B 391 -32.89 -9.36 -3.59
CA PRO B 391 -32.98 -9.74 -2.17
C PRO B 391 -34.33 -10.31 -1.80
N ASP B 392 -35.36 -10.07 -2.63
CA ASP B 392 -36.67 -10.70 -2.36
C ASP B 392 -36.59 -12.22 -2.44
N HIS B 393 -35.50 -12.74 -3.04
CA HIS B 393 -35.27 -14.18 -3.00
C HIS B 393 -35.26 -14.67 -1.56
N PHE B 394 -34.99 -13.77 -0.62
CA PHE B 394 -34.91 -14.22 0.79
C PHE B 394 -35.88 -13.52 1.71
N LEU B 395 -36.91 -12.95 1.11
CA LEU B 395 -38.03 -12.29 1.91
C LEU B 395 -39.37 -12.97 1.67
N ASP B 396 -40.20 -13.16 2.70
CA ASP B 396 -41.63 -13.47 2.44
C ASP B 396 -42.44 -12.24 2.14
N ALA B 397 -43.76 -12.44 1.97
CA ALA B 397 -44.71 -11.31 1.71
C ALA B 397 -44.73 -10.22 2.80
N ASN B 398 -44.65 -10.63 4.06
CA ASN B 398 -44.59 -9.66 5.18
C ASN B 398 -43.23 -8.91 5.29
N GLY B 399 -42.27 -9.20 4.40
CA GLY B 399 -40.91 -8.67 4.52
C GLY B 399 -40.09 -9.29 5.65
N ALA B 400 -40.48 -10.47 6.12
CA ALA B 400 -39.69 -11.26 7.06
C ALA B 400 -38.68 -12.15 6.31
N LEU B 401 -37.61 -12.54 7.01
CA LEU B 401 -36.58 -13.34 6.41
C LEU B 401 -37.09 -14.72 6.04
N LYS B 402 -36.76 -15.16 4.82
CA LYS B 402 -37.15 -16.49 4.35
C LYS B 402 -35.92 -17.35 3.98
N LYS B 403 -35.49 -18.21 4.88
CA LYS B 403 -34.37 -19.07 4.64
C LYS B 403 -34.89 -20.23 3.82
N THR B 404 -33.97 -20.90 3.14
CA THR B 404 -34.34 -22.05 2.33
C THR B 404 -33.20 -23.09 2.35
N GLU B 405 -33.63 -24.36 2.27
CA GLU B 405 -32.71 -25.47 2.18
C GLU B 405 -31.83 -25.41 0.93
N ALA B 406 -32.21 -24.61 -0.06
CA ALA B 406 -31.41 -24.57 -1.28
C ALA B 406 -30.18 -23.68 -1.09
N PHE B 407 -30.19 -22.85 -0.05
CA PHE B 407 -29.04 -21.95 0.23
C PHE B 407 -27.85 -22.74 0.88
N ILE B 408 -27.01 -23.33 0.05
CA ILE B 408 -25.93 -24.16 0.60
C ILE B 408 -24.53 -23.68 0.08
N PRO B 409 -24.21 -22.39 0.25
CA PRO B 409 -22.92 -21.97 -0.29
C PRO B 409 -21.70 -22.43 0.57
N PHE B 410 -21.96 -23.00 1.73
CA PHE B 410 -20.89 -23.59 2.58
C PHE B 410 -20.85 -25.12 2.41
N SER B 411 -21.67 -25.63 1.50
CA SER B 411 -21.82 -27.07 1.34
C SER B 411 -22.58 -27.67 2.53
N LEU B 412 -22.47 -28.99 2.69
CA LEU B 412 -23.14 -29.71 3.79
C LEU B 412 -22.28 -30.86 4.33
N GLY B 413 -22.76 -31.52 5.39
CA GLY B 413 -22.23 -32.84 5.83
C GLY B 413 -20.89 -32.66 6.54
N LYS B 414 -19.97 -33.63 6.42
CA LYS B 414 -18.80 -33.72 7.33
C LYS B 414 -17.75 -32.71 6.95
N ARG B 415 -17.65 -32.41 5.68
CA ARG B 415 -16.75 -31.41 5.18
C ARG B 415 -17.28 -30.00 5.11
N ILE B 416 -18.44 -29.75 5.68
CA ILE B 416 -19.07 -28.44 5.60
C ILE B 416 -18.08 -27.42 6.09
N CYS B 417 -18.07 -26.24 5.47
CA CYS B 417 -17.11 -25.18 5.84
C CYS B 417 -17.03 -25.06 7.34
N LEU B 418 -15.80 -25.12 7.87
CA LEU B 418 -15.71 -25.01 9.32
C LEU B 418 -15.68 -23.54 9.72
N GLY B 419 -15.54 -22.67 8.72
CA GLY B 419 -15.47 -21.20 8.91
C GLY B 419 -16.82 -20.49 8.80
N GLU B 420 -17.90 -21.26 8.61
CA GLU B 420 -19.21 -20.73 8.30
C GLU B 420 -19.62 -19.61 9.29
N GLY B 421 -19.45 -19.90 10.59
CA GLY B 421 -19.95 -18.99 11.66
C GLY B 421 -19.23 -17.67 11.59
N ILE B 422 -17.92 -17.79 11.50
CA ILE B 422 -17.05 -16.64 11.40
C ILE B 422 -17.38 -15.85 10.12
N ALA B 423 -17.53 -16.53 8.98
CA ALA B 423 -17.74 -15.80 7.73
C ALA B 423 -19.05 -15.04 7.81
N ARG B 424 -20.12 -15.68 8.27
CA ARG B 424 -21.43 -14.94 8.38
C ARG B 424 -21.32 -13.77 9.30
N ALA B 425 -20.67 -13.94 10.44
CA ALA B 425 -20.39 -12.78 11.37
C ALA B 425 -19.62 -11.68 10.66
N GLU B 426 -18.61 -12.05 9.89
CA GLU B 426 -17.81 -11.00 9.27
C GLU B 426 -18.68 -10.30 8.23
N LEU B 427 -19.39 -11.06 7.39
CA LEU B 427 -20.17 -10.35 6.31
C LEU B 427 -21.18 -9.36 6.90
N PHE B 428 -21.87 -9.78 7.96
CA PHE B 428 -22.85 -8.90 8.59
C PHE B 428 -22.23 -7.72 9.27
N LEU B 429 -21.21 -7.97 10.07
CA LEU B 429 -20.62 -6.83 10.80
C LEU B 429 -19.87 -5.89 9.86
N PHE B 430 -19.09 -6.44 8.94
CA PHE B 430 -18.46 -5.52 8.01
C PHE B 430 -19.42 -4.81 7.06
N PHE B 431 -20.39 -5.51 6.47
CA PHE B 431 -21.29 -4.87 5.50
C PHE B 431 -22.08 -3.74 6.25
N THR B 432 -22.61 -4.08 7.42
CA THR B 432 -23.45 -3.09 8.09
C THR B 432 -22.67 -1.96 8.66
N THR B 433 -21.48 -2.27 9.22
CA THR B 433 -20.64 -1.15 9.80
C THR B 433 -20.21 -0.17 8.70
N ILE B 434 -19.82 -0.71 7.56
CA ILE B 434 -19.45 0.19 6.46
C ILE B 434 -20.67 1.03 6.06
N LEU B 435 -21.80 0.38 5.80
CA LEU B 435 -22.97 1.14 5.28
C LEU B 435 -23.55 2.15 6.28
N GLN B 436 -23.42 1.86 7.56
CA GLN B 436 -23.85 2.80 8.58
C GLN B 436 -23.01 4.06 8.47
N ASN B 437 -21.73 3.95 8.11
CA ASN B 437 -20.88 5.15 8.03
C ASN B 437 -20.66 5.77 6.64
N PHE B 438 -20.94 5.02 5.58
CA PHE B 438 -20.65 5.50 4.25
C PHE B 438 -21.79 5.11 3.24
N SER B 439 -22.03 5.98 2.26
CA SER B 439 -22.68 5.57 1.04
C SER B 439 -21.60 5.34 -0.01
N MET B 440 -21.95 4.76 -1.16
CA MET B 440 -20.95 4.49 -2.19
C MET B 440 -21.22 5.21 -3.49
N ALA B 441 -20.16 5.53 -4.24
CA ALA B 441 -20.32 6.10 -5.57
C ALA B 441 -19.23 5.56 -6.42
N SER B 442 -19.39 5.73 -7.73
CA SER B 442 -18.30 5.34 -8.62
C SER B 442 -18.52 6.09 -9.93
N PRO B 443 -17.50 6.15 -10.81
CA PRO B 443 -17.72 6.82 -12.09
C PRO B 443 -18.55 6.01 -13.10
N VAL B 444 -18.98 4.79 -12.78
CA VAL B 444 -19.73 3.97 -13.75
C VAL B 444 -21.22 4.02 -13.36
N ALA B 445 -22.07 4.44 -14.31
CA ALA B 445 -23.51 4.48 -14.03
C ALA B 445 -23.97 3.06 -13.72
N PRO B 446 -24.95 2.88 -12.82
CA PRO B 446 -25.48 1.57 -12.42
C PRO B 446 -25.83 0.70 -13.64
N GLU B 447 -26.61 1.25 -14.57
CA GLU B 447 -26.95 0.51 -15.80
C GLU B 447 -25.72 0.04 -16.54
N ASP B 448 -24.56 0.64 -16.34
CA ASP B 448 -23.39 0.20 -17.11
C ASP B 448 -22.47 -0.74 -16.35
N ILE B 449 -22.77 -0.97 -15.08
CA ILE B 449 -21.97 -1.92 -14.32
C ILE B 449 -22.12 -3.35 -14.85
N ASP B 450 -20.97 -3.96 -15.21
CA ASP B 450 -20.96 -5.32 -15.70
C ASP B 450 -20.57 -6.30 -14.57
N LEU B 451 -21.43 -7.26 -14.31
CA LEU B 451 -21.29 -8.18 -13.21
C LEU B 451 -20.58 -9.46 -13.63
N THR B 452 -20.31 -9.60 -14.92
CA THR B 452 -19.62 -10.78 -15.45
C THR B 452 -18.32 -11.03 -14.70
N PRO B 453 -18.14 -12.20 -14.10
CA PRO B 453 -16.89 -12.44 -13.35
C PRO B 453 -15.59 -12.33 -14.22
N GLN B 454 -14.50 -11.89 -13.62
CA GLN B 454 -13.20 -11.90 -14.32
C GLN B 454 -12.71 -13.35 -14.48
N GLU B 455 -13.03 -14.22 -13.52
CA GLU B 455 -12.64 -15.66 -13.57
C GLU B 455 -13.81 -16.38 -13.03
N CYS B 456 -14.02 -17.57 -13.59
CA CYS B 456 -15.00 -18.51 -13.13
C CYS B 456 -14.43 -19.90 -13.31
N GLY B 457 -13.83 -20.43 -12.25
CA GLY B 457 -13.37 -21.80 -12.28
C GLY B 457 -13.74 -22.33 -10.94
N VAL B 458 -12.78 -22.94 -10.27
CA VAL B 458 -12.88 -23.27 -8.82
C VAL B 458 -13.52 -22.12 -8.04
N GLY B 459 -13.01 -20.90 -8.28
CA GLY B 459 -13.51 -19.69 -7.61
C GLY B 459 -14.20 -18.86 -8.66
N LYS B 460 -15.21 -18.10 -8.25
CA LYS B 460 -15.80 -17.11 -9.16
C LYS B 460 -15.38 -15.78 -8.60
N ILE B 461 -14.80 -14.95 -9.44
CA ILE B 461 -14.06 -13.78 -9.01
C ILE B 461 -14.63 -12.59 -9.76
N PRO B 462 -15.10 -11.57 -9.03
CA PRO B 462 -15.69 -10.43 -9.71
C PRO B 462 -14.61 -9.60 -10.48
N PRO B 463 -15.04 -8.76 -11.42
CA PRO B 463 -14.08 -7.87 -12.09
C PRO B 463 -13.62 -6.79 -11.09
N THR B 464 -12.45 -6.22 -11.39
CA THR B 464 -11.93 -5.11 -10.63
C THR B 464 -12.79 -3.91 -10.90
N TYR B 465 -12.88 -3.00 -9.92
CA TYR B 465 -13.66 -1.79 -10.03
C TYR B 465 -13.13 -0.77 -9.07
N GLN B 466 -13.41 0.48 -9.37
CA GLN B 466 -13.14 1.62 -8.52
C GLN B 466 -14.40 1.98 -7.72
N ILE B 467 -14.26 2.36 -6.45
CA ILE B 467 -15.42 2.79 -5.66
C ILE B 467 -14.98 3.92 -4.73
N ARG B 468 -15.91 4.75 -4.31
CA ARG B 468 -15.65 5.77 -3.30
C ARG B 468 -16.57 5.60 -2.14
N PHE B 469 -16.07 5.72 -0.95
CA PHE B 469 -16.89 5.71 0.20
C PHE B 469 -17.12 7.09 0.73
N LEU B 470 -18.36 7.52 0.71
CA LEU B 470 -18.67 8.89 1.03
C LEU B 470 -19.25 8.95 2.41
N PRO B 471 -18.63 9.75 3.29
CA PRO B 471 -19.05 9.88 4.69
C PRO B 471 -20.50 10.31 4.79
N ARG B 472 -21.26 9.74 5.71
CA ARG B 472 -22.62 10.28 5.95
C ARG B 472 -22.50 11.39 7.02
CHA HEM C . 14.35 13.05 -1.22
CHB HEM C . 17.22 16.91 -0.60
CHC HEM C . 15.28 19.02 -4.53
CHD HEM C . 12.29 15.19 -5.06
C1A HEM C . 15.32 13.91 -0.71
C2A HEM C . 16.10 13.67 0.47
C3A HEM C . 16.88 14.72 0.61
C4A HEM C . 16.60 15.68 -0.44
CMA HEM C . 17.94 14.90 1.76
CAA HEM C . 16.06 12.43 1.45
CBA HEM C . 16.78 11.20 0.93
CGA HEM C . 16.76 10.10 1.97
O1A HEM C . 15.62 9.67 2.26
O2A HEM C . 17.83 9.67 2.55
C1B HEM C . 16.92 17.86 -1.58
C2B HEM C . 17.52 19.17 -1.75
C3B HEM C . 16.99 19.74 -2.84
C4B HEM C . 16.03 18.83 -3.37
CMB HEM C . 18.59 19.70 -0.79
CAB HEM C . 17.22 21.12 -3.46
CBB HEM C . 18.11 21.99 -2.97
C1C HEM C . 14.36 18.11 -5.01
C2C HEM C . 13.57 18.28 -6.21
C3C HEM C . 12.75 17.21 -6.32
C4C HEM C . 13.00 16.36 -5.24
CMC HEM C . 13.72 19.50 -7.14
CAC HEM C . 11.68 16.87 -7.39
CBC HEM C . 11.81 17.48 -8.56
C1D HEM C . 12.53 14.23 -4.07
C2D HEM C . 11.82 12.98 -3.93
C3D HEM C . 12.46 12.32 -2.72
C4D HEM C . 13.49 13.25 -2.28
CMD HEM C . 10.64 12.54 -4.82
CAD HEM C . 12.18 10.97 -2.09
CBD HEM C . 13.10 9.94 -2.75
CGD HEM C . 12.70 8.60 -2.18
O1D HEM C . 12.83 7.61 -2.91
O2D HEM C . 12.24 8.48 -1.00
NA HEM C . 15.62 15.16 -1.25
NB HEM C . 16.01 17.71 -2.57
NC HEM C . 14.01 16.93 -4.44
ND HEM C . 13.51 14.33 -3.11
FE HEM C . 14.96 15.91 -3.00
C10 3V4 D . 8.08 16.34 1.69
C7 3V4 D . 8.80 17.27 2.69
C9 3V4 D . 7.93 17.79 3.84
C6 3V4 D . 10.03 18.07 2.19
C1 3V4 D . 10.60 17.73 0.80
C5 3V4 D . 10.19 16.93 3.23
C4 3V4 D . 10.72 15.56 2.77
C3 3V4 D . 11.28 15.41 1.34
C2 3V4 D . 11.76 16.72 0.80
C8 3V4 D . 12.46 16.46 -0.54
C7 CM5 E . 3.23 16.22 27.85
C8 CM5 E . 4.50 17.07 27.66
C9 CM5 E . 4.49 17.95 26.40
C10 CM5 E . 3.61 17.29 25.35
C11 CM5 E . 3.66 15.76 25.46
C6 CM5 E . 2.95 15.24 26.70
C5 CM5 E . 3.44 13.84 27.02
C4 CM5 E . 2.28 12.86 27.05
C3 CM5 E . 2.78 11.43 27.05
C2 CM5 E . 2.21 10.68 25.85
C1 CM5 E . 1.15 9.67 26.24
O12 CM5 E . 0.99 8.76 25.15
C7 CM5 F . 0.98 24.14 -8.65
C8 CM5 F . 1.87 23.14 -7.94
C9 CM5 F . 1.14 22.21 -6.98
C10 CM5 F . -0.33 21.95 -7.36
C11 CM5 F . -1.20 23.16 -7.75
C6 CM5 F . -0.41 24.44 -8.03
C5 CM5 F . -1.17 25.44 -8.92
C4 CM5 F . -2.70 25.41 -8.95
C3 CM5 F . -3.24 26.81 -9.25
C2 CM5 F . -4.71 26.84 -9.65
C1 CM5 F . -5.63 26.73 -8.45
O12 CM5 F . -6.97 27.12 -8.79
C13 CM5 F . -7.89 26.73 -7.77
C18 CM5 F . -9.19 27.52 -7.95
O22 CM5 F . -8.88 28.93 -7.82
C17 CM5 F . -10.29 27.05 -6.97
O21 CM5 F . -11.56 27.60 -7.32
O14 CM5 F . -8.14 25.31 -7.78
C15 CM5 F . -9.09 24.79 -6.83
C19 CM5 F . -9.29 23.30 -7.10
O20 CM5 F . -10.06 23.07 -8.30
C16 CM5 F . -10.45 25.52 -6.90
O23 CM5 F . -11.19 25.13 -5.72
C24 CM5 F . -12.54 24.61 -5.87
O25 CM5 F . -12.59 23.16 -5.97
C26 CM5 F . -12.60 22.32 -4.77
C30 CM5 F . -13.01 20.87 -5.11
O31 CM5 F . -12.04 20.15 -5.91
C27 CM5 F . -13.48 22.89 -3.65
O32 CM5 F . -13.30 22.17 -2.41
C28 CM5 F . -13.15 24.36 -3.43
O33 CM5 F . -13.91 24.89 -2.34
C29 CM5 F . -13.43 25.13 -4.71
O34 CM5 F . -13.28 26.54 -4.49
C7 CM5 G . 12.00 18.98 22.19
C8 CM5 G . 11.43 19.26 20.79
C9 CM5 G . 11.97 20.52 20.14
C10 CM5 G . 11.91 21.74 21.05
C11 CM5 G . 11.35 21.39 22.42
C6 CM5 G . 12.17 20.25 23.03
C5 CM5 G . 11.75 19.98 24.50
C4 CM5 G . 12.71 20.55 25.57
C3 CM5 G . 12.19 20.45 27.03
C2 CM5 G . 13.19 19.79 27.97
C1 CM5 G . 14.25 20.78 28.49
O12 CM5 G . 14.46 20.60 29.90
C1 GOL H . 7.54 11.03 40.31
O1 GOL H . 6.65 10.33 41.15
C2 GOL H . 6.94 12.40 39.93
O2 GOL H . 7.96 13.38 40.01
C3 GOL H . 6.24 12.36 38.55
O3 GOL H . 6.09 13.65 37.97
C1 GOL I . -5.81 9.20 25.19
O1 GOL I . -6.69 8.33 24.51
C2 GOL I . -6.54 10.38 25.86
O2 GOL I . -5.63 11.12 26.66
C3 GOL I . -7.24 11.33 24.87
O3 GOL I . -8.54 10.90 24.48
CHA HEM J . -14.45 -25.60 3.13
CHB HEM J . -17.29 -22.08 1.34
CHC HEM J . -15.27 -18.91 4.48
CHD HEM J . -12.36 -22.40 6.15
C1A HEM J . -15.39 -24.91 2.37
C2A HEM J . -16.20 -25.50 1.34
C3A HEM J . -17.00 -24.55 0.87
C4A HEM J . -16.70 -23.33 1.55
CMA HEM J . -18.04 -24.78 -0.26
CAA HEM J . -16.16 -26.98 0.85
CBA HEM J . -17.03 -27.92 1.67
CGA HEM J . -17.01 -29.28 0.99
O1A HEM J . -15.89 -29.84 0.80
O2A HEM J . -18.09 -29.83 0.62
C1B HEM J . -16.94 -20.90 2.00
C2B HEM J . -17.54 -19.59 1.77
C3B HEM J . -17.01 -18.72 2.64
C4B HEM J . -16.04 -19.45 3.45
CMB HEM J . -18.64 -19.38 0.72
CAB HEM J . -17.24 -17.21 2.82
CBB HEM J . -18.18 -16.63 2.08
C1C HEM J . -14.35 -19.59 5.21
C2C HEM J . -13.57 -19.06 6.32
C3C HEM J . -12.77 -20.05 6.76
C4C HEM J . -13.04 -21.21 5.96
CMC HEM J . -13.71 -17.62 6.84
CAC HEM J . -11.71 -20.09 7.88
CBC HEM J . -11.90 -19.33 8.95
C1D HEM J . -12.64 -23.60 5.51
C2D HEM J . -11.92 -24.83 5.75
C3D HEM J . -12.55 -25.82 4.80
C4D HEM J . -13.60 -25.08 4.10
CMD HEM J . -10.73 -24.97 6.72
CAD HEM J . -12.28 -27.30 4.61
CBD HEM J . -13.16 -28.07 5.61
CGD HEM J . -12.83 -29.55 5.45
O1D HEM J . -12.99 -30.33 6.41
O2D HEM J . -12.40 -30.02 4.36
NA HEM J . -15.71 -23.57 2.48
NB HEM J . -16.02 -20.76 3.01
NC HEM J . -14.04 -20.91 5.02
ND HEM J . -13.61 -23.80 4.54
FE HEM J . -15.03 -22.28 3.97
C10 3V4 K . -8.15 -23.40 -0.60
C7 3V4 K . -8.85 -22.81 -1.84
C9 3V4 K . -7.98 -22.66 -3.09
C6 3V4 K . -10.08 -21.87 -1.60
C1 3V4 K . -10.64 -21.77 -0.16
C5 3V4 K . -10.25 -23.26 -2.25
C4 3V4 K . -10.81 -24.42 -1.40
C3 3V4 K . -11.35 -24.13 0.01
C2 3V4 K . -11.82 -22.71 0.13
C8 3V4 K . -12.52 -22.56 1.48
C7 CM5 L . -3.74 -31.58 -25.65
C8 CM5 L . -4.93 -30.67 -25.37
C9 CM5 L . -4.62 -29.42 -24.55
C10 CM5 L . -3.46 -29.71 -23.60
C11 CM5 L . -3.45 -31.19 -23.24
C6 CM5 L . -3.02 -32.08 -24.40
C5 CM5 L . -3.37 -33.55 -24.13
C4 CM5 L . -2.21 -34.34 -23.52
C3 CM5 L . -2.57 -35.80 -23.19
C2 CM5 L . -1.98 -36.27 -21.86
C1 CM5 L . -1.44 -37.71 -21.92
O12 CM5 L . -1.42 -38.31 -20.61
C7 CM5 M . -0.61 -13.16 7.13
C8 CM5 M . -1.57 -14.21 6.55
C9 CM5 M . -0.87 -15.44 5.97
C10 CM5 M . 0.64 -15.54 6.29
C11 CM5 M . 1.51 -14.24 6.23
C6 CM5 M . 0.64 -12.97 6.23
C5 CM5 M . 1.38 -11.63 6.47
C4 CM5 M . 2.77 -11.65 7.07
C3 CM5 M . 3.38 -10.24 6.91
C2 CM5 M . 4.88 -10.14 7.17
C1 CM5 M . 5.73 -10.32 5.92
O12 CM5 M . 7.10 -10.11 6.23
C13 CM5 M . 8.01 -10.72 5.30
C18 CM5 M . 9.35 -10.02 5.51
O22 CM5 M . 9.24 -8.64 5.13
C17 CM5 M . 10.50 -10.67 4.75
O21 CM5 M . 11.74 -10.10 5.18
O14 CM5 M . 8.09 -12.14 5.53
C15 CM5 M . 9.15 -12.88 4.92
C19 CM5 M . 9.24 -14.23 5.64
O20 CM5 M . 9.92 -14.09 6.91
C16 CM5 M . 10.53 -12.19 4.96
O23 CM5 M . 11.36 -12.76 3.92
C24 CM5 M . 12.68 -13.21 4.30
O25 CM5 M . 12.64 -14.48 5.03
C26 CM5 M . 12.40 -15.71 4.29
C30 CM5 M . 12.55 -16.97 5.19
O31 CM5 M . 11.91 -16.83 6.48
C27 CM5 M . 13.24 -15.79 3.00
O32 CM5 M . 12.93 -16.92 2.17
C28 CM5 M . 13.03 -14.50 2.19
O33 CM5 M . 13.64 -14.57 0.90
C29 CM5 M . 13.52 -13.32 3.02
O34 CM5 M . 13.43 -12.11 2.26
C7 CM5 N . -11.92 -27.01 -21.87
C8 CM5 N . -12.00 -26.93 -20.34
C9 CM5 N . -11.54 -25.59 -19.72
C10 CM5 N . -12.02 -24.36 -20.49
C11 CM5 N . -11.67 -24.53 -21.97
C6 CM5 N . -12.44 -25.73 -22.54
C5 CM5 N . -12.44 -25.68 -24.09
C4 CM5 N . -12.05 -26.93 -24.92
C3 CM5 N . -13.23 -27.59 -25.65
C2 CM5 N . -13.10 -27.53 -27.17
C1 CM5 N . -14.39 -26.96 -27.76
O12 CM5 N . -14.59 -27.48 -29.07
#